data_9H6R
#
_entry.id   9H6R
#
_cell.length_a   88.241
_cell.length_b   115.026
_cell.length_c   124.006
_cell.angle_alpha   90.00
_cell.angle_beta   90.00
_cell.angle_gamma   90.00
#
_symmetry.space_group_name_H-M   'P 21 21 21'
#
loop_
_entity.id
_entity.type
_entity.pdbx_description
1 polymer Alpha-MPP
2 polymer 'Clan ME, family M16, insulinase-like metallopeptidase'
3 non-polymer 'SULFATE ION'
4 non-polymer GLYCEROL
5 non-polymer 'ZINC ION'
6 water water
#
loop_
_entity_poly.entity_id
_entity_poly.type
_entity_poly.pdbx_seq_one_letter_code
_entity_poly.pdbx_strand_id
1 'polypeptide(L)'
;MDCVSSVLPNGIHLKLMKGPRGVCSIGAVFPIGSINSPKTADTQVTLSSKLVESLISPKHVFMHQVYPFLQVNREYSYLT
LQFLPESTTYAIESLKRFLDGAAPANTTFDQQKQLNYAAEQLGEYNLLEKYKDLVCMSSFSNKSYAHGNYALQGEKIDLN
PQILKEIPKCTTLVGSIDMYEELVKLGGSLSPFPKVKLHITSNFEPNHVNKNVKQSSLQGSKISMTSSLSIMSLSWPSCG
AKSVEAPAYAVLSKIFGGGSEFSSEGLGSGFSSLLYTKVVGGVARCHQAYAYNNFFTTGGRFNINVVAEDRNLVKAAQLV
RECIHSVETIEDKNLDAARGLVITAGTKELNASDKRFNEFVRSSYLGCKPIYSSQYKKSIKEVTRKAVEKALKQTFSYKP
AVAVYGPAVPNEIAKVFEGSALEHHHHHHHH
;
A
2 'polypeptide(L)'
;MSIISRYAVPQISKLSNGVRVATIPVIGEATTLGYWIKSGSMYENASNSGVSHYLQHVIFRGNEKYPQRKLEQLAEYEGI
NLMASTSRVTTNFNATISNDKLDVATDVLSQLVLNPRIKKSIVDNERDTILAEEYEVSQDINEVIWDKLHEISFKTSIGF
PILGSHQSIQKITTEMVQSQHSNFFNQDNLYFVAVTSLPHDVILKSVEKATQFLKPLASHPKLASDNDLHVQKFEPNQKQ
YLLPQLGDNAFVAIGFEAPSLDSPLYIPSQIVKSVIGSKEKYSVSPLIENTNIRTLNSYSFPYGNSGLTAFFGNESINNL
NGWVNTIFQSIGTIFSNENIEGSLNVGRLCVKSQLARGLSSTRTIADELGNNLLLRNEYMSLGKWDELLNATNINNIKEY
FDKYILEKNASMVIISGKQ
;
B
#
# COMPACT_ATOMS: atom_id res chain seq x y z
N CYS A 3 -19.59 -3.63 14.80
CA CYS A 3 -19.21 -3.06 16.15
C CYS A 3 -20.02 -3.62 17.35
N VAL A 4 -19.33 -3.83 18.48
CA VAL A 4 -19.93 -4.28 19.77
C VAL A 4 -19.29 -3.49 20.96
N SER A 5 -19.96 -2.40 21.38
CA SER A 5 -19.65 -1.67 22.64
C SER A 5 -19.86 -2.51 23.90
N SER A 6 -19.03 -2.24 24.91
CA SER A 6 -19.21 -2.74 26.27
C SER A 6 -18.63 -1.67 27.17
N VAL A 7 -19.02 -1.71 28.43
CA VAL A 7 -18.34 -0.94 29.44
C VAL A 7 -17.92 -1.93 30.51
N LEU A 8 -16.69 -1.82 31.00
CA LEU A 8 -16.21 -2.80 31.97
C LEU A 8 -16.68 -2.49 33.38
N PRO A 9 -16.59 -3.49 34.30
CA PRO A 9 -16.73 -3.26 35.73
C PRO A 9 -16.11 -1.93 36.21
N ASN A 10 -14.84 -1.68 35.90
CA ASN A 10 -14.12 -0.47 36.31
C ASN A 10 -14.27 0.82 35.39
N GLY A 11 -15.28 0.81 34.53
CA GLY A 11 -15.60 1.97 33.69
C GLY A 11 -14.97 2.01 32.28
N ILE A 12 -14.03 1.11 32.01
CA ILE A 12 -13.27 1.08 30.74
C ILE A 12 -14.15 0.67 29.54
N HIS A 13 -14.18 1.53 28.53
CA HIS A 13 -14.88 1.21 27.28
C HIS A 13 -14.07 0.19 26.47
N LEU A 14 -14.79 -0.67 25.78
CA LEU A 14 -14.23 -1.73 25.00
C LEU A 14 -15.04 -1.85 23.71
N LYS A 15 -14.39 -1.80 22.55
CA LYS A 15 -15.10 -1.75 21.27
C LYS A 15 -14.62 -2.82 20.33
N LEU A 16 -15.52 -3.72 19.94
CA LEU A 16 -15.10 -4.86 19.12
C LEU A 16 -15.49 -4.82 17.65
N MET A 17 -14.53 -5.15 16.79
CA MET A 17 -14.81 -5.32 15.37
C MET A 17 -15.33 -6.72 15.07
N LYS A 18 -16.57 -6.75 14.57
CA LYS A 18 -17.21 -7.91 13.95
C LYS A 18 -16.52 -8.28 12.62
N GLY A 19 -16.63 -9.52 12.20
CA GLY A 19 -15.95 -9.98 10.99
C GLY A 19 -15.23 -11.29 11.26
N PRO A 20 -14.58 -11.86 10.22
CA PRO A 20 -14.06 -13.24 10.30
C PRO A 20 -12.82 -13.39 11.18
N ARG A 21 -12.60 -14.62 11.68
CA ARG A 21 -11.36 -15.02 12.38
C ARG A 21 -10.23 -15.30 11.39
N GLY A 22 -9.00 -15.28 11.88
CA GLY A 22 -7.81 -15.44 11.05
C GLY A 22 -6.71 -14.56 11.58
N VAL A 23 -6.87 -13.26 11.38
CA VAL A 23 -5.96 -12.27 11.97
C VAL A 23 -6.59 -11.62 13.23
N CYS A 24 -5.87 -11.71 14.34
CA CYS A 24 -6.29 -11.11 15.61
C CYS A 24 -5.85 -9.67 15.73
N SER A 25 -6.70 -8.84 16.33
CA SER A 25 -6.41 -7.43 16.49
C SER A 25 -6.64 -6.95 17.93
N ILE A 26 -5.70 -6.20 18.47
CA ILE A 26 -5.91 -5.51 19.76
C ILE A 26 -5.39 -4.05 19.72
N GLY A 27 -5.93 -3.20 20.58
CA GLY A 27 -5.37 -1.87 20.71
C GLY A 27 -6.02 -0.94 21.72
N ALA A 28 -5.44 0.23 21.80
CA ALA A 28 -5.79 1.27 22.71
C ALA A 28 -5.90 2.54 21.89
N VAL A 29 -6.94 3.32 22.17
CA VAL A 29 -7.16 4.65 21.58
C VAL A 29 -7.45 5.57 22.76
N PHE A 30 -7.03 6.82 22.68
CA PHE A 30 -7.03 7.72 23.82
C PHE A 30 -6.83 9.18 23.41
N PRO A 31 -7.53 10.12 24.09
CA PRO A 31 -7.42 11.53 23.72
C PRO A 31 -6.11 12.22 24.20
N ILE A 32 -4.97 11.69 23.82
CA ILE A 32 -3.70 12.39 23.96
C ILE A 32 -3.12 12.43 22.55
N GLY A 33 -2.78 13.61 22.07
CA GLY A 33 -2.17 13.79 20.75
C GLY A 33 -0.98 14.74 20.84
N SER A 34 -0.55 15.24 19.68
CA SER A 34 0.65 16.07 19.62
C SER A 34 0.45 17.37 20.37
N ILE A 35 -0.81 17.84 20.45
CA ILE A 35 -1.11 19.11 21.12
C ILE A 35 -0.92 19.07 22.63
N ASN A 36 -0.72 17.88 23.19
CA ASN A 36 -0.63 17.67 24.62
C ASN A 36 0.82 17.62 25.04
N SER A 37 1.70 18.01 24.13
CA SER A 37 3.10 18.20 24.48
C SER A 37 3.52 19.62 24.13
N PRO A 38 4.43 20.20 24.94
CA PRO A 38 5.00 21.56 24.68
C PRO A 38 5.45 21.84 23.23
N LYS A 39 5.99 20.85 22.52
CA LYS A 39 6.46 21.07 21.15
C LYS A 39 6.27 19.89 20.18
N THR A 40 6.54 20.17 18.91
CA THR A 40 6.44 19.18 17.86
C THR A 40 7.28 17.97 18.25
N ALA A 41 6.76 16.80 17.88
CA ALA A 41 7.45 15.52 18.02
C ALA A 41 7.53 14.98 19.45
N ASP A 42 7.31 15.82 20.45
CA ASP A 42 7.36 15.44 21.86
C ASP A 42 6.47 14.21 22.15
N THR A 43 5.22 14.24 21.72
CA THR A 43 4.28 13.14 21.94
C THR A 43 4.70 11.88 21.18
N GLN A 44 4.87 12.06 19.88
CA GLN A 44 5.32 11.03 18.95
C GLN A 44 6.48 10.21 19.49
N VAL A 45 7.58 10.86 19.82
CA VAL A 45 8.78 10.17 20.23
C VAL A 45 8.63 9.48 21.58
N THR A 46 7.83 10.10 22.47
CA THR A 46 7.49 9.56 23.78
C THR A 46 6.72 8.26 23.66
N LEU A 47 5.63 8.29 22.88
CA LEU A 47 4.86 7.07 22.64
C LEU A 47 5.68 6.01 21.84
N SER A 48 6.52 6.44 20.89
CA SER A 48 7.40 5.51 20.14
C SER A 48 8.36 4.79 21.08
N SER A 49 8.95 5.56 21.99
CA SER A 49 9.88 5.02 22.96
C SER A 49 9.18 3.97 23.82
N LYS A 50 8.01 4.35 24.31
CA LYS A 50 7.23 3.51 25.14
C LYS A 50 6.82 2.25 24.41
N LEU A 51 6.46 2.40 23.13
CA LEU A 51 6.02 1.26 22.31
C LEU A 51 7.15 0.29 22.10
N VAL A 52 8.33 0.80 21.75
CA VAL A 52 9.49 -0.08 21.49
C VAL A 52 9.96 -0.78 22.77
N GLU A 53 9.82 -0.14 23.94
CA GLU A 53 10.16 -0.86 25.20
C GLU A 53 9.17 -1.95 25.55
N SER A 54 7.89 -1.64 25.36
CA SER A 54 6.76 -2.56 25.52
C SER A 54 6.83 -3.84 24.68
N LEU A 55 7.49 -3.78 23.55
CA LEU A 55 7.56 -4.96 22.71
C LEU A 55 8.82 -5.74 23.04
N ILE A 56 9.60 -5.22 24.00
CA ILE A 56 10.92 -5.76 24.47
C ILE A 56 12.05 -5.49 23.45
N SER A 57 11.91 -6.04 22.26
CA SER A 57 12.87 -5.83 21.18
C SER A 57 12.23 -6.15 19.83
N PRO A 58 12.80 -5.58 18.73
CA PRO A 58 12.36 -5.85 17.38
C PRO A 58 12.45 -7.34 17.04
N LYS A 59 13.38 -8.02 17.71
CA LYS A 59 13.48 -9.47 17.58
C LYS A 59 12.26 -10.23 18.12
N HIS A 60 11.76 -9.83 19.28
CA HIS A 60 10.54 -10.44 19.82
C HIS A 60 9.37 -10.18 18.90
N VAL A 61 9.33 -8.97 18.35
CA VAL A 61 8.22 -8.54 17.44
C VAL A 61 8.20 -9.51 16.26
N PHE A 62 9.40 -9.71 15.70
CA PHE A 62 9.62 -10.51 14.53
C PHE A 62 9.27 -12.00 14.77
N MET A 63 9.84 -12.53 15.84
CA MET A 63 9.67 -13.92 16.24
C MET A 63 8.25 -14.32 16.52
N HIS A 64 7.43 -13.37 16.96
CA HIS A 64 5.98 -13.63 17.11
C HIS A 64 5.13 -13.17 15.94
N GLN A 65 5.75 -12.56 14.92
CA GLN A 65 5.03 -12.07 13.73
C GLN A 65 3.87 -11.11 14.07
N VAL A 66 4.22 -10.06 14.84
CA VAL A 66 3.28 -9.03 15.35
C VAL A 66 3.51 -7.77 14.52
N TYR A 67 2.41 -7.20 14.00
CA TYR A 67 2.41 -5.98 13.22
C TYR A 67 1.83 -4.87 14.10
N PRO A 68 2.73 -4.06 14.71
CA PRO A 68 2.33 -2.94 15.54
C PRO A 68 2.12 -1.68 14.70
N PHE A 69 1.17 -0.84 15.10
CA PHE A 69 0.89 0.42 14.38
C PHE A 69 0.60 1.50 15.42
N LEU A 70 1.31 2.62 15.29
CA LEU A 70 1.11 3.74 16.20
C LEU A 70 0.79 4.96 15.37
N GLN A 71 -0.32 5.61 15.66
CA GLN A 71 -0.81 6.74 14.85
C GLN A 71 -1.02 7.89 15.81
N VAL A 72 -0.18 8.93 15.74
CA VAL A 72 -0.36 10.05 16.66
C VAL A 72 -0.95 11.20 15.90
N ASN A 73 -2.17 11.59 16.30
CA ASN A 73 -2.87 12.69 15.67
C ASN A 73 -2.76 13.95 16.52
N ARG A 74 -3.41 15.03 16.11
CA ARG A 74 -3.39 16.28 16.91
C ARG A 74 -3.99 16.19 18.33
N GLU A 75 -5.18 15.62 18.40
CA GLU A 75 -5.98 15.63 19.61
C GLU A 75 -6.09 14.23 20.23
N TYR A 76 -5.61 13.20 19.54
CA TYR A 76 -5.79 11.82 19.95
C TYR A 76 -4.79 10.90 19.27
N SER A 77 -4.64 9.71 19.81
CA SER A 77 -3.68 8.75 19.29
C SER A 77 -4.17 7.34 19.46
N TYR A 78 -3.70 6.43 18.62
CA TYR A 78 -3.98 5.03 18.83
C TYR A 78 -2.79 4.10 18.58
N LEU A 79 -2.83 2.95 19.23
CA LEU A 79 -1.89 1.85 19.06
C LEU A 79 -2.71 0.61 18.66
N THR A 80 -2.29 -0.07 17.60
CA THR A 80 -2.92 -1.34 17.24
C THR A 80 -1.85 -2.44 17.09
N LEU A 81 -2.22 -3.68 17.42
CA LEU A 81 -1.35 -4.86 17.24
C LEU A 81 -2.12 -5.94 16.53
N GLN A 82 -1.52 -6.52 15.51
CA GLN A 82 -2.13 -7.60 14.71
C GLN A 82 -1.25 -8.80 14.72
N PHE A 83 -1.87 -9.98 14.86
CA PHE A 83 -1.13 -11.21 15.10
C PHE A 83 -1.97 -12.42 14.83
N LEU A 84 -1.33 -13.58 14.87
CA LEU A 84 -2.01 -14.85 14.73
C LEU A 84 -2.28 -15.34 16.11
N PRO A 85 -3.39 -16.11 16.31
CA PRO A 85 -3.77 -16.59 17.66
C PRO A 85 -2.63 -17.14 18.54
N GLU A 86 -1.66 -17.87 17.96
CA GLU A 86 -0.49 -18.37 18.77
C GLU A 86 0.42 -17.31 19.39
N SER A 87 0.22 -16.04 19.02
CA SER A 87 0.97 -14.93 19.64
C SER A 87 0.21 -14.08 20.69
N THR A 88 -1.03 -14.47 21.01
CA THR A 88 -1.91 -13.70 21.90
C THR A 88 -1.26 -13.20 23.20
N THR A 89 -0.49 -14.06 23.84
CA THR A 89 0.09 -13.77 25.12
C THR A 89 1.05 -12.60 24.98
N TYR A 90 1.90 -12.65 23.94
CA TYR A 90 2.93 -11.62 23.75
C TYR A 90 2.32 -10.27 23.38
N ALA A 91 1.30 -10.32 22.53
CA ALA A 91 0.58 -9.13 22.13
C ALA A 91 -0.12 -8.50 23.35
N ILE A 92 -0.88 -9.29 24.09
CA ILE A 92 -1.59 -8.80 25.26
C ILE A 92 -0.61 -8.23 26.29
N GLU A 93 0.52 -8.91 26.52
CA GLU A 93 1.45 -8.46 27.53
C GLU A 93 2.13 -7.17 27.13
N SER A 94 2.30 -7.00 25.81
CA SER A 94 2.97 -5.85 25.25
C SER A 94 2.07 -4.66 25.30
N LEU A 95 0.78 -4.91 25.04
CA LEU A 95 -0.25 -3.90 25.22
C LEU A 95 -0.36 -3.48 26.68
N LYS A 96 -0.37 -4.45 27.59
CA LYS A 96 -0.32 -4.18 29.04
C LYS A 96 0.86 -3.28 29.47
N ARG A 97 2.07 -3.58 29.00
CA ARG A 97 3.27 -2.79 29.33
C ARG A 97 3.11 -1.37 28.79
N PHE A 98 2.52 -1.25 27.61
CA PHE A 98 2.28 0.06 27.05
C PHE A 98 1.32 0.93 27.91
N LEU A 99 0.43 0.30 28.65
CA LEU A 99 -0.56 0.99 29.47
C LEU A 99 -0.18 1.04 30.95
N ASP A 100 1.12 0.92 31.24
CA ASP A 100 1.61 0.81 32.61
C ASP A 100 2.23 2.08 33.25
N GLY A 101 2.27 3.19 32.53
CA GLY A 101 2.62 4.46 33.10
C GLY A 101 4.10 4.71 33.24
N ALA A 102 4.93 3.69 33.02
CA ALA A 102 6.40 3.80 33.25
C ALA A 102 7.19 4.50 32.13
N ALA A 103 8.01 5.49 32.50
CA ALA A 103 8.81 6.25 31.53
C ALA A 103 9.83 5.33 30.83
N PRO A 104 10.01 5.43 29.49
CA PRO A 104 11.07 4.67 28.81
C PRO A 104 12.48 5.17 29.13
N ALA A 105 13.45 4.28 29.18
CA ALA A 105 14.83 4.65 29.46
C ALA A 105 15.38 5.62 28.39
N ASN A 106 16.03 6.69 28.84
CA ASN A 106 16.74 7.68 27.97
C ASN A 106 17.43 7.18 26.71
N THR A 107 18.21 6.13 26.84
CA THR A 107 18.85 5.49 25.70
C THR A 107 17.87 5.18 24.55
N THR A 108 16.65 4.73 24.88
CA THR A 108 15.58 4.48 23.87
C THR A 108 15.04 5.77 23.28
N PHE A 109 14.81 6.73 24.15
CA PHE A 109 14.43 8.03 23.68
C PHE A 109 15.45 8.55 22.68
N ASP A 110 16.72 8.54 23.03
CA ASP A 110 17.77 9.01 22.10
C ASP A 110 17.80 8.31 20.72
N GLN A 111 17.47 7.01 20.68
CA GLN A 111 17.35 6.26 19.42
C GLN A 111 16.15 6.75 18.61
N GLN A 112 15.02 6.86 19.29
CA GLN A 112 13.79 7.34 18.67
C GLN A 112 13.90 8.77 18.16
N LYS A 113 14.53 9.66 18.93
CA LYS A 113 14.90 10.99 18.48
C LYS A 113 15.64 10.95 17.14
N GLN A 114 16.67 10.10 17.05
CA GLN A 114 17.41 9.91 15.81
C GLN A 114 16.53 9.54 14.61
N LEU A 115 15.69 8.51 14.76
CA LEU A 115 14.73 8.14 13.71
C LEU A 115 13.79 9.28 13.35
N ASN A 116 13.42 10.09 14.34
CA ASN A 116 12.47 11.14 14.13
C ASN A 116 13.07 12.22 13.26
N TYR A 117 14.19 12.80 13.70
CA TYR A 117 14.97 13.73 12.84
C TYR A 117 15.22 13.27 11.37
N ALA A 118 15.32 11.95 11.14
CA ALA A 118 15.54 11.35 9.82
C ALA A 118 14.23 10.93 9.12
N ALA A 119 13.08 11.41 9.59
CA ALA A 119 11.78 10.95 9.10
C ALA A 119 11.52 11.14 7.60
N GLU A 120 11.78 12.34 7.06
CA GLU A 120 11.63 12.61 5.65
C GLU A 120 12.51 11.69 4.80
N GLN A 121 13.77 11.54 5.20
CA GLN A 121 14.76 10.72 4.48
C GLN A 121 14.32 9.25 4.45
N LEU A 122 13.79 8.76 5.59
CA LEU A 122 13.29 7.40 5.73
C LEU A 122 11.91 7.15 5.09
N GLY A 123 11.25 8.19 4.58
CA GLY A 123 9.98 8.05 3.92
C GLY A 123 8.79 8.06 4.87
N GLU A 124 9.02 8.44 6.12
CA GLU A 124 7.97 8.58 7.10
C GLU A 124 7.29 9.96 7.06
N TYR A 125 7.80 10.89 6.27
CA TYR A 125 7.22 12.21 6.24
C TYR A 125 6.80 12.63 4.84
N ASN A 126 5.78 11.95 4.31
CA ASN A 126 5.28 12.12 2.92
C ASN A 126 4.36 13.36 2.74
N LEU A 127 3.85 13.58 1.52
CA LEU A 127 2.94 14.69 1.24
C LEU A 127 1.68 14.73 2.12
N LEU A 128 1.03 13.59 2.34
CA LEU A 128 -0.11 13.52 3.28
C LEU A 128 0.22 14.11 4.66
N GLU A 129 1.38 13.76 5.20
CA GLU A 129 1.85 14.27 6.45
C GLU A 129 2.14 15.76 6.44
N LYS A 130 2.66 16.26 5.32
CA LYS A 130 2.93 17.67 5.13
C LYS A 130 1.60 18.48 4.98
N TYR A 131 0.60 17.93 4.30
CA TYR A 131 -0.69 18.59 4.21
C TYR A 131 -1.27 18.82 5.58
N LYS A 132 -1.26 17.79 6.41
CA LYS A 132 -1.82 17.82 7.74
C LYS A 132 -1.10 18.92 8.52
N ASP A 133 0.22 18.89 8.51
CA ASP A 133 1.03 19.90 9.21
C ASP A 133 0.72 21.34 8.82
N LEU A 134 0.58 21.54 7.49
CA LEU A 134 0.26 22.81 6.90
C LEU A 134 -1.12 23.29 7.34
N VAL A 135 -2.11 22.38 7.33
CA VAL A 135 -3.47 22.70 7.78
C VAL A 135 -3.51 23.06 9.27
N CYS A 136 -2.71 22.36 10.07
CA CYS A 136 -2.74 22.51 11.51
C CYS A 136 -1.94 23.67 12.05
N MET A 137 -0.95 24.11 11.30
CA MET A 137 -0.21 25.28 11.71
C MET A 137 -0.88 26.56 11.16
N SER A 138 -1.93 26.41 10.34
CA SER A 138 -2.53 27.60 9.75
C SER A 138 -3.98 27.87 10.13
N SER A 139 -4.80 26.83 10.25
CA SER A 139 -6.24 27.05 10.40
C SER A 139 -6.78 26.95 11.83
N PHE A 140 -5.90 27.07 12.82
CA PHE A 140 -6.35 27.06 14.24
C PHE A 140 -6.04 28.35 15.02
N SER A 141 -7.02 28.81 15.77
CA SER A 141 -6.85 29.89 16.71
C SER A 141 -5.81 29.47 17.76
N ASN A 142 -5.87 28.23 18.24
CA ASN A 142 -4.86 27.72 19.17
C ASN A 142 -3.53 27.35 18.49
N LYS A 143 -2.44 27.88 19.04
CA LYS A 143 -1.09 27.67 18.48
C LYS A 143 -0.48 26.29 18.79
N SER A 144 -1.15 25.51 19.63
CA SER A 144 -0.76 24.15 19.98
CA SER A 144 -0.73 24.16 19.97
C SER A 144 -0.95 23.17 18.81
N TYR A 145 -1.95 23.42 17.97
CA TYR A 145 -2.18 22.55 16.80
C TYR A 145 -1.00 22.51 15.79
N ALA A 146 -0.17 23.55 15.83
CA ALA A 146 1.05 23.62 15.07
C ALA A 146 2.08 22.54 15.47
N HIS A 147 1.98 21.96 16.68
CA HIS A 147 2.84 20.83 17.02
C HIS A 147 2.48 19.61 16.19
N GLY A 148 3.40 19.23 15.30
CA GLY A 148 3.29 17.99 14.54
C GLY A 148 4.03 16.86 15.26
N ASN A 149 4.45 15.88 14.47
CA ASN A 149 5.07 14.66 14.91
C ASN A 149 6.55 14.58 14.49
N TYR A 150 6.96 15.44 13.59
CA TYR A 150 8.28 15.30 12.93
C TYR A 150 9.12 16.56 13.11
N ALA A 151 10.15 16.47 13.96
CA ALA A 151 11.01 17.59 14.30
C ALA A 151 11.73 18.20 13.11
N LEU A 152 11.87 19.53 13.13
CA LEU A 152 12.73 20.30 12.21
C LEU A 152 14.18 20.05 12.60
N GLN A 153 15.11 20.11 11.65
CA GLN A 153 16.52 19.81 11.92
C GLN A 153 17.13 20.63 13.07
N GLY A 154 16.72 21.90 13.18
CA GLY A 154 17.25 22.80 14.22
C GLY A 154 16.79 22.70 15.67
N GLU A 155 15.87 21.77 15.98
CA GLU A 155 15.02 21.83 17.19
C GLU A 155 15.07 20.67 18.18
N LYS A 156 14.85 20.98 19.46
CA LYS A 156 14.87 20.02 20.56
C LYS A 156 13.63 19.12 20.54
N ILE A 157 13.77 17.92 21.10
CA ILE A 157 12.63 17.05 21.39
C ILE A 157 12.86 16.46 22.78
N ASP A 158 11.85 16.60 23.65
CA ASP A 158 11.90 16.15 25.04
C ASP A 158 10.87 15.09 25.35
N LEU A 159 11.24 14.18 26.25
CA LEU A 159 10.37 13.11 26.72
C LEU A 159 9.29 13.74 27.56
N ASN A 160 8.03 13.39 27.28
CA ASN A 160 6.86 13.83 28.08
C ASN A 160 6.35 12.70 29.01
N PRO A 161 6.92 12.59 30.23
CA PRO A 161 6.55 11.43 31.04
C PRO A 161 5.12 11.52 31.62
N GLN A 162 4.58 12.73 31.76
CA GLN A 162 3.20 12.92 32.24
C GLN A 162 2.15 12.20 31.36
N ILE A 163 2.31 12.21 30.04
CA ILE A 163 1.27 11.66 29.15
C ILE A 163 1.22 10.14 29.23
N LEU A 164 2.37 9.54 29.52
CA LEU A 164 2.44 8.12 29.82
C LEU A 164 1.64 7.67 31.03
N LYS A 165 1.57 8.53 32.06
CA LYS A 165 0.78 8.26 33.29
C LYS A 165 -0.70 8.36 32.99
N GLU A 166 -1.01 9.25 32.04
CA GLU A 166 -2.38 9.56 31.63
C GLU A 166 -3.08 8.56 30.69
N ILE A 167 -2.32 7.85 29.85
CA ILE A 167 -2.91 6.89 28.89
C ILE A 167 -3.91 5.92 29.57
N PRO A 168 -3.45 5.16 30.60
CA PRO A 168 -4.36 4.19 31.22
C PRO A 168 -5.63 4.85 31.77
N LYS A 169 -5.49 6.02 32.38
CA LYS A 169 -6.63 6.82 32.85
C LYS A 169 -7.57 7.35 31.75
N CYS A 170 -7.27 7.20 30.46
CA CYS A 170 -8.25 7.62 29.42
C CYS A 170 -8.36 6.66 28.24
N THR A 171 -7.91 5.43 28.45
CA THR A 171 -7.92 4.44 27.39
C THR A 171 -9.28 3.79 27.17
N THR A 172 -9.70 3.79 25.91
CA THR A 172 -10.74 2.87 25.36
C THR A 172 -10.02 1.65 24.73
N LEU A 173 -10.44 0.42 25.01
CA LEU A 173 -9.79 -0.71 24.33
C LEU A 173 -10.55 -1.13 23.10
N VAL A 174 -9.78 -1.55 22.09
CA VAL A 174 -10.31 -1.92 20.80
C VAL A 174 -9.70 -3.27 20.42
N GLY A 175 -10.40 -4.01 19.58
CA GLY A 175 -9.97 -5.35 19.17
C GLY A 175 -10.96 -6.06 18.28
N SER A 176 -10.53 -7.16 17.69
CA SER A 176 -11.43 -7.98 16.90
C SER A 176 -12.32 -8.75 17.89
N ILE A 177 -13.55 -9.09 17.46
CA ILE A 177 -14.53 -9.78 18.33
C ILE A 177 -13.98 -10.99 19.16
N ASP A 178 -13.10 -11.77 18.54
CA ASP A 178 -12.51 -12.98 19.13
C ASP A 178 -11.48 -12.72 20.22
N MET A 179 -11.20 -11.44 20.45
CA MET A 179 -10.25 -11.00 21.49
C MET A 179 -11.00 -10.43 22.73
N TYR A 180 -12.32 -10.62 22.74
CA TYR A 180 -13.21 -10.22 23.83
C TYR A 180 -12.70 -10.66 25.20
N GLU A 181 -12.63 -11.97 25.42
CA GLU A 181 -12.17 -12.52 26.70
C GLU A 181 -10.86 -11.87 27.14
N GLU A 182 -9.86 -11.89 26.26
CA GLU A 182 -8.52 -11.42 26.59
C GLU A 182 -8.45 -9.92 26.97
N LEU A 183 -9.31 -9.11 26.34
CA LEU A 183 -9.33 -7.67 26.57
C LEU A 183 -10.04 -7.30 27.85
N VAL A 184 -11.14 -8.03 28.13
CA VAL A 184 -11.97 -7.84 29.32
C VAL A 184 -11.08 -8.00 30.56
N LYS A 185 -10.25 -9.03 30.56
CA LYS A 185 -9.25 -9.24 31.58
C LYS A 185 -8.17 -8.12 31.61
N LEU A 186 -7.72 -7.64 30.44
CA LEU A 186 -6.69 -6.60 30.40
C LEU A 186 -7.19 -5.27 31.00
N GLY A 187 -8.42 -4.92 30.61
CA GLY A 187 -9.02 -3.65 31.02
C GLY A 187 -9.36 -3.73 32.48
N GLY A 188 -9.73 -4.96 32.89
CA GLY A 188 -9.93 -5.35 34.28
C GLY A 188 -8.76 -4.91 35.12
N SER A 189 -7.54 -5.14 34.65
CA SER A 189 -6.35 -4.68 35.34
C SER A 189 -6.09 -3.15 35.39
N LEU A 190 -6.75 -2.37 34.54
CA LEU A 190 -6.59 -0.89 34.58
C LEU A 190 -7.38 -0.31 35.74
N SER A 191 -6.95 0.87 36.21
CA SER A 191 -7.55 1.49 37.39
C SER A 191 -8.94 2.11 37.11
N PRO A 192 -9.87 1.96 38.08
CA PRO A 192 -11.15 2.69 38.00
C PRO A 192 -10.93 4.18 38.39
N PHE A 193 -11.58 5.14 37.74
CA PHE A 193 -12.49 5.01 36.59
C PHE A 193 -11.91 5.95 35.52
N PRO A 194 -12.22 5.72 34.21
CA PRO A 194 -11.56 6.65 33.27
C PRO A 194 -11.85 8.16 33.54
N LYS A 195 -10.79 8.98 33.50
CA LYS A 195 -10.82 10.47 33.52
C LYS A 195 -11.82 10.97 32.47
N VAL A 196 -12.44 12.13 32.71
CA VAL A 196 -13.29 12.83 31.69
C VAL A 196 -13.01 14.31 31.57
N LYS A 197 -12.38 14.67 30.47
CA LYS A 197 -11.95 16.04 30.12
C LYS A 197 -12.92 16.50 29.08
N LEU A 198 -13.12 17.81 28.98
CA LEU A 198 -13.78 18.34 27.80
C LEU A 198 -12.80 18.67 26.63
N HIS A 199 -12.98 17.96 25.51
CA HIS A 199 -12.16 18.11 24.29
C HIS A 199 -12.95 18.92 23.30
N ILE A 200 -12.55 20.17 23.14
CA ILE A 200 -13.16 21.09 22.19
C ILE A 200 -12.07 21.37 21.13
N THR A 201 -12.27 20.97 19.87
CA THR A 201 -11.40 21.46 18.78
C THR A 201 -11.41 22.99 18.67
N SER A 202 -10.22 23.58 18.67
CA SER A 202 -9.98 25.02 18.52
C SER A 202 -10.71 25.65 17.32
N ASN A 203 -11.12 26.92 17.46
CA ASN A 203 -11.81 27.66 16.38
C ASN A 203 -10.95 27.94 15.15
N PHE A 204 -11.57 27.87 13.98
CA PHE A 204 -10.98 28.34 12.72
C PHE A 204 -10.39 29.77 12.76
N GLU A 205 -9.20 29.93 12.24
CA GLU A 205 -8.60 31.25 12.06
C GLU A 205 -7.87 31.26 10.69
N PRO A 206 -8.08 32.30 9.87
CA PRO A 206 -7.42 32.20 8.57
C PRO A 206 -6.03 32.82 8.60
N ASN A 207 -5.12 32.23 9.37
CA ASN A 207 -3.72 32.68 9.37
C ASN A 207 -2.98 32.36 8.08
N HIS A 208 -1.85 33.04 7.89
CA HIS A 208 -0.98 32.85 6.73
C HIS A 208 0.43 32.48 7.22
N VAL A 209 0.90 31.27 6.93
CA VAL A 209 2.22 30.80 7.45
C VAL A 209 3.10 30.13 6.41
N ASN A 210 4.38 30.02 6.72
CA ASN A 210 5.34 29.33 5.88
C ASN A 210 6.03 28.29 6.74
N LYS A 211 6.10 27.06 6.24
CA LYS A 211 7.10 26.12 6.72
C LYS A 211 8.18 26.12 5.63
N ASN A 212 9.09 27.08 5.75
CA ASN A 212 10.11 27.29 4.75
C ASN A 212 11.38 26.46 4.98
N VAL A 213 11.33 25.21 4.55
CA VAL A 213 12.34 24.21 4.96
C VAL A 213 12.76 23.38 3.73
N LYS A 214 14.04 23.01 3.67
CA LYS A 214 14.56 22.14 2.64
C LYS A 214 14.00 20.69 2.81
N GLN A 215 13.65 20.09 1.68
CA GLN A 215 13.28 18.68 1.60
C GLN A 215 14.47 17.81 1.21
N SER A 216 14.51 16.59 1.73
CA SER A 216 15.51 15.63 1.34
C SER A 216 15.26 15.25 -0.13
N SER A 217 16.34 14.96 -0.88
N SER A 217 16.33 14.95 -0.87
CA SER A 217 16.25 14.48 -2.27
CA SER A 217 16.24 14.51 -2.27
C SER A 217 15.72 13.06 -2.27
C SER A 217 15.76 13.06 -2.32
N LEU A 218 16.42 12.20 -1.54
CA LEU A 218 15.97 10.88 -1.32
C LEU A 218 14.95 10.82 -0.15
N GLN A 219 13.78 10.29 -0.47
CA GLN A 219 12.75 10.03 0.52
C GLN A 219 12.24 8.58 0.42
N GLY A 220 12.56 7.81 1.47
CA GLY A 220 12.43 6.35 1.44
C GLY A 220 13.41 5.86 0.39
N SER A 221 12.87 5.19 -0.63
CA SER A 221 13.69 4.72 -1.72
C SER A 221 13.50 5.52 -2.99
N LYS A 222 12.75 6.62 -2.90
CA LYS A 222 12.47 7.43 -4.07
C LYS A 222 13.28 8.70 -4.10
N ILE A 223 13.90 8.97 -5.24
CA ILE A 223 14.38 10.31 -5.52
C ILE A 223 13.10 11.08 -5.79
N SER A 224 12.69 11.84 -4.78
CA SER A 224 11.43 12.57 -4.82
C SER A 224 11.33 13.46 -6.05
N MET A 225 10.22 13.32 -6.75
CA MET A 225 9.94 14.16 -7.91
C MET A 225 9.28 15.46 -7.44
N THR A 226 9.14 15.66 -6.13
CA THR A 226 8.46 16.85 -5.60
C THR A 226 9.34 17.68 -4.68
N SER A 227 10.54 17.21 -4.39
CA SER A 227 11.36 17.84 -3.36
C SER A 227 11.78 19.27 -3.66
N SER A 228 11.69 19.70 -4.92
CA SER A 228 12.03 21.08 -5.22
C SER A 228 10.84 21.98 -5.39
N LEU A 229 9.66 21.39 -5.51
CA LEU A 229 8.40 22.15 -5.63
C LEU A 229 7.91 22.61 -4.26
N SER A 230 6.95 23.53 -4.29
CA SER A 230 6.35 24.03 -3.08
C SER A 230 4.99 23.42 -2.91
N ILE A 231 4.50 23.40 -1.66
CA ILE A 231 3.13 22.98 -1.37
C ILE A 231 2.33 24.15 -0.80
N MET A 232 1.16 24.37 -1.38
CA MET A 232 0.25 25.38 -0.87
C MET A 232 -1.01 24.72 -0.30
N SER A 233 -1.24 24.97 0.99
CA SER A 233 -2.45 24.46 1.63
C SER A 233 -3.44 25.56 1.95
N LEU A 234 -4.66 25.31 1.48
CA LEU A 234 -5.75 26.21 1.70
C LEU A 234 -6.77 25.49 2.53
N SER A 235 -7.03 26.04 3.74
CA SER A 235 -7.98 25.49 4.73
C SER A 235 -9.24 26.34 4.96
N TRP A 236 -10.42 25.72 4.96
CA TRP A 236 -11.67 26.34 5.40
C TRP A 236 -12.36 25.41 6.39
N PRO A 237 -13.11 25.97 7.38
CA PRO A 237 -13.85 25.17 8.37
C PRO A 237 -15.00 24.40 7.74
N SER A 238 -15.26 23.20 8.29
CA SER A 238 -16.32 22.26 7.81
C SER A 238 -17.20 21.75 8.97
N CYS A 239 -17.03 20.50 9.40
CA CYS A 239 -17.77 19.96 10.56
C CYS A 239 -17.07 18.80 11.25
N GLY A 240 -17.49 18.49 12.48
CA GLY A 240 -16.97 17.33 13.24
C GLY A 240 -17.41 16.01 12.63
N ALA A 241 -16.72 14.92 12.97
CA ALA A 241 -17.07 13.60 12.39
C ALA A 241 -18.52 13.19 12.69
N LYS A 242 -18.99 13.50 13.90
CA LYS A 242 -20.35 13.16 14.35
C LYS A 242 -21.50 13.93 13.67
N SER A 243 -21.21 15.04 12.99
CA SER A 243 -22.21 15.86 12.30
CA SER A 243 -22.22 15.85 12.31
C SER A 243 -23.00 15.10 11.23
N VAL A 244 -24.24 15.51 11.00
CA VAL A 244 -25.10 14.91 9.96
C VAL A 244 -24.74 15.48 8.58
N GLU A 245 -23.85 16.46 8.58
CA GLU A 245 -23.34 17.10 7.37
C GLU A 245 -22.05 16.46 6.84
N ALA A 246 -21.42 15.61 7.65
CA ALA A 246 -20.15 14.94 7.30
C ALA A 246 -20.19 14.11 5.99
N PRO A 247 -21.29 13.36 5.73
CA PRO A 247 -21.40 12.75 4.39
C PRO A 247 -21.41 13.78 3.23
N ALA A 248 -22.15 14.88 3.40
CA ALA A 248 -22.22 15.93 2.38
C ALA A 248 -20.82 16.47 2.00
N TYR A 249 -20.02 16.71 3.04
CA TYR A 249 -18.63 17.15 2.90
C TYR A 249 -17.69 16.14 2.25
N ALA A 250 -17.86 14.85 2.55
CA ALA A 250 -17.11 13.76 1.87
C ALA A 250 -17.36 13.81 0.35
N VAL A 251 -18.64 13.90 0.00
CA VAL A 251 -19.10 14.09 -1.37
C VAL A 251 -18.47 15.36 -2.03
N LEU A 252 -18.62 16.50 -1.34
CA LEU A 252 -18.00 17.75 -1.76
C LEU A 252 -16.48 17.66 -2.01
N SER A 253 -15.78 16.86 -1.22
CA SER A 253 -14.35 16.67 -1.48
C SER A 253 -14.08 15.96 -2.81
N LYS A 254 -14.91 14.97 -3.17
CA LYS A 254 -14.73 14.18 -4.41
C LYS A 254 -15.05 14.94 -5.70
N ILE A 255 -16.03 15.86 -5.62
CA ILE A 255 -16.33 16.81 -6.68
C ILE A 255 -15.06 17.58 -7.04
N PHE A 256 -14.41 18.17 -6.04
CA PHE A 256 -13.14 18.83 -6.25
C PHE A 256 -12.06 17.85 -6.72
N GLY A 257 -11.94 16.73 -5.99
CA GLY A 257 -11.15 15.56 -6.38
C GLY A 257 -9.66 15.79 -6.49
N GLY A 258 -9.15 15.63 -7.72
CA GLY A 258 -7.75 15.84 -8.06
C GLY A 258 -6.99 14.58 -8.48
N GLY A 259 -5.77 14.78 -9.00
CA GLY A 259 -4.82 13.70 -9.35
C GLY A 259 -3.39 14.23 -9.47
N SER A 260 -2.50 13.43 -10.07
CA SER A 260 -1.12 13.86 -10.40
C SER A 260 -0.86 13.96 -11.92
N GLU A 261 0.09 13.17 -12.45
CA GLU A 261 0.31 13.04 -13.91
C GLU A 261 0.93 11.68 -14.28
N SER A 273 -13.15 15.20 -12.35
CA SER A 273 -12.67 15.99 -11.21
C SER A 273 -12.11 17.35 -11.68
N LEU A 274 -12.49 18.42 -10.96
CA LEU A 274 -12.14 19.81 -11.30
C LEU A 274 -10.72 20.24 -10.97
N LEU A 275 -10.19 19.73 -9.86
CA LEU A 275 -8.81 20.01 -9.46
C LEU A 275 -7.81 19.38 -10.43
N TYR A 276 -8.11 18.20 -10.97
CA TYR A 276 -7.31 17.62 -12.05
C TYR A 276 -7.39 18.54 -13.28
N THR A 277 -8.58 18.64 -13.89
CA THR A 277 -8.81 19.36 -15.16
C THR A 277 -8.35 20.84 -15.18
N LYS A 278 -8.76 21.62 -14.16
CA LYS A 278 -8.55 23.08 -14.18
C LYS A 278 -7.28 23.57 -13.46
N VAL A 279 -6.72 22.72 -12.59
CA VAL A 279 -5.53 23.04 -11.74
C VAL A 279 -4.24 22.26 -12.09
N VAL A 280 -4.35 20.94 -12.25
CA VAL A 280 -3.19 20.15 -12.72
C VAL A 280 -2.99 20.36 -14.23
N GLY A 281 -4.06 20.28 -15.01
CA GLY A 281 -4.07 20.71 -16.42
C GLY A 281 -3.69 22.18 -16.59
N GLY A 282 -4.29 23.06 -15.78
CA GLY A 282 -4.14 24.53 -15.86
C GLY A 282 -2.77 25.20 -15.65
N VAL A 283 -2.06 24.86 -14.57
CA VAL A 283 -0.67 25.33 -14.39
C VAL A 283 0.25 24.22 -14.92
N ALA A 284 1.04 24.52 -15.97
CA ALA A 284 2.16 23.63 -16.37
C ALA A 284 3.26 23.71 -15.29
N ARG A 285 4.04 22.64 -15.15
CA ARG A 285 4.92 22.39 -13.97
C ARG A 285 4.18 22.54 -12.63
N CYS A 286 3.25 21.60 -12.46
CA CYS A 286 2.43 21.39 -11.27
C CYS A 286 2.27 19.88 -11.17
N HIS A 287 2.87 19.28 -10.14
CA HIS A 287 2.88 17.83 -9.92
C HIS A 287 1.48 17.25 -9.61
N GLN A 288 0.81 17.77 -8.57
CA GLN A 288 -0.52 17.30 -8.16
C GLN A 288 -1.37 18.33 -7.40
N ALA A 289 -2.70 18.09 -7.36
CA ALA A 289 -3.68 18.94 -6.64
C ALA A 289 -4.82 18.12 -6.02
N TYR A 290 -4.90 18.08 -4.69
CA TYR A 290 -5.96 17.29 -4.00
C TYR A 290 -6.79 18.05 -2.96
N ALA A 291 -8.06 17.65 -2.86
CA ALA A 291 -8.98 18.16 -1.83
C ALA A 291 -9.31 17.07 -0.87
N TYR A 292 -9.15 17.35 0.41
CA TYR A 292 -9.40 16.37 1.46
C TYR A 292 -10.34 16.96 2.48
N ASN A 293 -11.04 16.10 3.19
CA ASN A 293 -11.77 16.56 4.33
C ASN A 293 -11.21 15.97 5.63
N ASN A 294 -10.65 16.80 6.49
CA ASN A 294 -10.11 16.37 7.79
C ASN A 294 -11.00 16.62 8.98
N PHE A 295 -11.45 15.55 9.62
CA PHE A 295 -12.24 15.64 10.86
C PHE A 295 -11.42 15.66 12.13
N PHE A 296 -11.90 16.40 13.13
CA PHE A 296 -11.29 16.49 14.45
C PHE A 296 -12.38 16.21 15.48
N THR A 297 -11.98 16.09 16.74
CA THR A 297 -12.92 15.79 17.81
C THR A 297 -14.22 16.58 17.64
N THR A 298 -14.18 17.90 17.51
CA THR A 298 -15.44 18.67 17.41
C THR A 298 -15.61 19.48 16.12
N GLY A 299 -14.66 19.41 15.18
CA GLY A 299 -14.67 20.31 14.02
C GLY A 299 -14.10 19.64 12.78
N GLY A 300 -14.18 20.33 11.64
CA GLY A 300 -13.52 19.85 10.45
C GLY A 300 -12.69 20.91 9.78
N ARG A 301 -11.80 20.47 8.91
CA ARG A 301 -11.10 21.38 8.00
C ARG A 301 -11.12 20.80 6.62
N PHE A 302 -11.82 21.50 5.73
CA PHE A 302 -11.83 21.17 4.33
C PHE A 302 -10.62 21.88 3.75
N ASN A 303 -9.71 21.12 3.13
CA ASN A 303 -8.45 21.66 2.59
C ASN A 303 -8.10 21.23 1.19
N ILE A 304 -7.50 22.15 0.44
CA ILE A 304 -7.14 21.94 -0.96
C ILE A 304 -5.65 22.17 -1.04
N ASN A 305 -4.94 21.20 -1.63
CA ASN A 305 -3.48 21.21 -1.64
C ASN A 305 -2.94 21.10 -3.02
N VAL A 306 -1.89 21.87 -3.26
CA VAL A 306 -1.31 22.06 -4.57
C VAL A 306 0.20 21.91 -4.41
N VAL A 307 0.77 21.01 -5.21
CA VAL A 307 2.22 20.92 -5.40
C VAL A 307 2.56 21.58 -6.76
N ALA A 308 3.25 22.71 -6.71
CA ALA A 308 3.59 23.46 -7.93
C ALA A 308 4.89 24.22 -7.68
N GLU A 309 5.48 24.78 -8.75
CA GLU A 309 6.67 25.65 -8.57
C GLU A 309 6.30 26.87 -7.72
N ASP A 310 7.18 27.23 -6.81
CA ASP A 310 7.04 28.40 -5.91
C ASP A 310 6.41 29.65 -6.53
N ARG A 311 6.94 30.03 -7.69
CA ARG A 311 6.45 31.15 -8.50
C ARG A 311 5.02 30.97 -9.11
N ASN A 312 4.49 29.75 -9.12
CA ASN A 312 3.19 29.42 -9.74
C ASN A 312 1.99 29.35 -8.78
N LEU A 313 2.25 29.64 -7.51
CA LEU A 313 1.25 29.39 -6.49
C LEU A 313 0.04 30.30 -6.61
N VAL A 314 0.28 31.61 -6.83
CA VAL A 314 -0.80 32.60 -7.01
C VAL A 314 -1.71 32.21 -8.17
N LYS A 315 -1.13 31.82 -9.31
CA LYS A 315 -1.94 31.39 -10.45
C LYS A 315 -2.79 30.19 -10.04
N ALA A 316 -2.20 29.29 -9.25
CA ALA A 316 -2.86 28.05 -8.82
C ALA A 316 -4.07 28.33 -7.92
N ALA A 317 -3.87 29.23 -6.96
CA ALA A 317 -4.94 29.75 -6.10
C ALA A 317 -6.11 30.28 -6.92
N GLN A 318 -5.82 31.07 -7.96
CA GLN A 318 -6.86 31.64 -8.87
C GLN A 318 -7.66 30.57 -9.57
N LEU A 319 -6.98 29.46 -9.90
CA LEU A 319 -7.68 28.35 -10.53
C LEU A 319 -8.58 27.59 -9.53
N VAL A 320 -8.16 27.55 -8.26
CA VAL A 320 -8.96 26.99 -7.13
C VAL A 320 -10.19 27.85 -6.83
N ARG A 321 -10.01 29.20 -6.80
CA ARG A 321 -11.12 30.16 -6.72
C ARG A 321 -12.05 29.99 -7.91
N GLU A 322 -11.48 29.91 -9.11
CA GLU A 322 -12.22 29.58 -10.32
C GLU A 322 -12.99 28.26 -10.13
N CYS A 323 -12.36 27.31 -9.44
CA CYS A 323 -12.91 25.96 -9.15
C CYS A 323 -14.07 25.94 -8.16
N ILE A 324 -13.97 26.78 -7.11
CA ILE A 324 -15.02 26.92 -6.08
C ILE A 324 -16.30 27.45 -6.74
N HIS A 325 -16.18 28.60 -7.43
CA HIS A 325 -17.20 29.21 -8.31
C HIS A 325 -17.96 28.16 -9.13
N SER A 326 -17.22 27.26 -9.76
CA SER A 326 -17.76 26.26 -10.66
C SER A 326 -18.73 25.29 -10.01
N VAL A 327 -18.64 25.11 -8.69
CA VAL A 327 -19.39 24.06 -8.00
C VAL A 327 -20.88 24.38 -7.82
N GLU A 328 -21.24 25.66 -7.84
CA GLU A 328 -22.65 26.05 -7.76
C GLU A 328 -23.44 25.46 -8.93
N THR A 329 -23.02 25.82 -10.14
CA THR A 329 -23.62 25.24 -11.35
C THR A 329 -23.00 23.88 -11.64
N ILE A 330 -23.40 22.86 -10.87
CA ILE A 330 -22.91 21.49 -11.09
C ILE A 330 -24.04 20.55 -11.49
N GLU A 331 -23.77 19.71 -12.48
CA GLU A 331 -24.74 18.77 -13.03
C GLU A 331 -25.01 17.59 -12.07
N ASP A 332 -25.98 16.73 -12.40
CA ASP A 332 -26.27 15.49 -11.65
C ASP A 332 -25.37 14.30 -12.07
N LYS A 333 -24.86 14.39 -13.30
CA LYS A 333 -23.87 13.46 -13.79
C LYS A 333 -22.60 13.58 -12.92
N ASN A 334 -22.08 14.80 -12.76
CA ASN A 334 -21.03 15.09 -11.78
C ASN A 334 -21.41 14.68 -10.34
N LEU A 335 -22.60 15.10 -9.89
CA LEU A 335 -23.09 14.89 -8.52
C LEU A 335 -23.35 13.42 -8.21
N ASP A 336 -23.49 12.61 -9.25
CA ASP A 336 -23.58 11.17 -9.06
C ASP A 336 -22.22 10.48 -9.06
N ALA A 337 -21.35 10.89 -9.98
CA ALA A 337 -19.93 10.47 -9.97
C ALA A 337 -19.25 10.64 -8.59
N ALA A 338 -19.45 11.80 -7.95
CA ALA A 338 -18.95 12.07 -6.60
C ALA A 338 -19.46 11.07 -5.56
N ARG A 339 -20.77 10.81 -5.55
CA ARG A 339 -21.40 9.80 -4.67
C ARG A 339 -20.82 8.43 -4.93
N GLY A 340 -20.49 8.16 -6.20
CA GLY A 340 -19.87 6.93 -6.64
C GLY A 340 -18.46 6.79 -6.08
N LEU A 341 -17.55 7.65 -6.53
CA LEU A 341 -16.17 7.67 -6.06
C LEU A 341 -15.98 7.44 -4.53
N VAL A 342 -16.88 7.97 -3.69
CA VAL A 342 -16.89 7.68 -2.25
C VAL A 342 -17.44 6.27 -2.02
N LYS A 355 -5.48 -4.15 8.07
CA LYS A 355 -5.57 -2.69 8.04
C LYS A 355 -6.96 -2.09 7.57
N ARG A 356 -8.05 -2.84 7.79
CA ARG A 356 -9.38 -2.28 7.92
C ARG A 356 -9.74 -2.05 9.42
N PHE A 357 -9.07 -2.78 10.32
CA PHE A 357 -9.05 -2.48 11.74
C PHE A 357 -8.63 -1.04 12.04
N ASN A 358 -7.61 -0.54 11.34
CA ASN A 358 -7.19 0.84 11.55
C ASN A 358 -8.34 1.83 11.30
N GLU A 359 -9.22 1.50 10.36
CA GLU A 359 -10.38 2.36 10.13
C GLU A 359 -11.45 2.17 11.25
N PHE A 360 -11.64 0.91 11.63
CA PHE A 360 -12.48 0.62 12.77
C PHE A 360 -12.06 1.48 14.00
N VAL A 361 -10.76 1.50 14.34
CA VAL A 361 -10.27 2.32 15.46
C VAL A 361 -10.38 3.84 15.26
N ARG A 362 -10.04 4.32 14.06
CA ARG A 362 -10.07 5.74 13.70
C ARG A 362 -11.47 6.26 13.89
N SER A 363 -12.43 5.51 13.37
CA SER A 363 -13.83 5.88 13.45
C SER A 363 -14.52 5.44 14.76
N SER A 364 -13.86 4.63 15.58
CA SER A 364 -14.37 4.34 16.92
C SER A 364 -14.23 5.55 17.87
N TYR A 365 -13.09 6.25 17.81
CA TYR A 365 -12.86 7.43 18.66
C TYR A 365 -13.83 8.53 18.26
N LEU A 366 -13.77 8.89 16.98
CA LEU A 366 -14.54 9.99 16.39
C LEU A 366 -16.04 9.81 16.60
N GLY A 367 -16.43 8.62 17.07
CA GLY A 367 -17.81 8.22 17.35
C GLY A 367 -18.73 8.13 16.14
N CYS A 368 -18.17 7.97 14.95
CA CYS A 368 -18.96 7.91 13.71
C CYS A 368 -19.16 6.48 13.16
N LYS A 369 -19.53 6.42 11.87
CA LYS A 369 -19.77 5.17 11.18
C LYS A 369 -18.52 4.84 10.31
N PRO A 370 -17.98 3.59 10.40
CA PRO A 370 -16.76 3.24 9.64
C PRO A 370 -16.92 3.37 8.10
N ILE A 371 -15.87 3.84 7.42
CA ILE A 371 -15.87 4.12 5.95
C ILE A 371 -16.26 2.90 5.10
N TYR A 372 -16.06 1.70 5.66
CA TYR A 372 -16.41 0.42 5.03
C TYR A 372 -17.84 -0.08 5.41
N SER A 373 -18.52 0.56 6.36
CA SER A 373 -19.75 -0.04 6.94
C SER A 373 -20.95 0.12 6.01
N SER A 374 -22.00 -0.70 6.20
CA SER A 374 -23.22 -0.60 5.38
C SER A 374 -23.97 0.73 5.61
N GLN A 375 -24.08 1.14 6.87
CA GLN A 375 -24.67 2.43 7.24
C GLN A 375 -24.01 3.70 6.60
N TYR A 376 -22.68 3.76 6.56
CA TYR A 376 -21.96 4.89 5.93
C TYR A 376 -22.29 5.11 4.46
N LYS A 377 -22.27 4.03 3.66
CA LYS A 377 -22.60 4.12 2.22
C LYS A 377 -24.11 4.36 1.98
N LYS A 378 -24.96 4.04 2.96
CA LYS A 378 -26.36 4.51 2.99
C LYS A 378 -26.38 6.04 2.96
N SER A 379 -25.69 6.68 3.93
CA SER A 379 -25.56 8.15 4.02
C SER A 379 -25.14 8.83 2.73
N ILE A 380 -24.17 8.23 2.03
CA ILE A 380 -23.61 8.78 0.79
C ILE A 380 -24.67 8.78 -0.33
N LYS A 381 -25.44 7.70 -0.46
CA LYS A 381 -26.59 7.66 -1.36
C LYS A 381 -27.56 8.79 -1.00
N GLU A 382 -27.77 8.99 0.31
CA GLU A 382 -28.77 9.91 0.87
C GLU A 382 -28.41 11.43 0.90
N VAL A 383 -27.28 11.83 0.33
CA VAL A 383 -26.96 13.28 0.30
C VAL A 383 -27.70 13.94 -0.84
N THR A 384 -28.53 14.94 -0.49
CA THR A 384 -29.27 15.76 -1.46
C THR A 384 -28.31 16.71 -2.19
N ARG A 385 -28.81 17.43 -3.19
CA ARG A 385 -28.05 18.54 -3.79
C ARG A 385 -28.12 19.79 -2.88
N LYS A 386 -29.21 19.88 -2.09
CA LYS A 386 -29.39 20.89 -1.04
C LYS A 386 -28.16 20.82 -0.13
N ALA A 387 -28.04 19.70 0.59
CA ALA A 387 -26.93 19.39 1.48
C ALA A 387 -25.56 19.82 0.94
N VAL A 388 -25.27 19.49 -0.32
CA VAL A 388 -23.97 19.83 -0.94
C VAL A 388 -23.77 21.34 -1.18
N GLU A 389 -24.80 22.01 -1.69
CA GLU A 389 -24.62 23.45 -1.95
C GLU A 389 -24.58 24.26 -0.67
N LYS A 390 -25.31 23.76 0.33
CA LYS A 390 -25.34 24.28 1.70
C LYS A 390 -23.94 24.24 2.33
N ALA A 391 -23.32 23.06 2.25
CA ALA A 391 -21.98 22.78 2.76
C ALA A 391 -20.96 23.67 2.05
N LEU A 392 -21.11 23.73 0.72
CA LEU A 392 -20.31 24.66 -0.09
C LEU A 392 -20.44 26.11 0.39
N LYS A 393 -21.69 26.62 0.45
CA LYS A 393 -21.95 27.97 0.90
C LYS A 393 -21.32 28.25 2.27
N GLN A 394 -21.64 27.47 3.31
CA GLN A 394 -21.09 27.78 4.64
C GLN A 394 -19.57 27.68 4.76
N THR A 395 -18.96 26.83 3.93
CA THR A 395 -17.51 26.61 4.00
C THR A 395 -16.78 27.73 3.34
N PHE A 396 -17.14 28.01 2.09
CA PHE A 396 -16.40 28.99 1.32
C PHE A 396 -16.70 30.48 1.61
N SER A 397 -17.75 30.70 2.41
CA SER A 397 -18.00 31.96 3.14
C SER A 397 -16.83 32.47 3.90
N TYR A 398 -15.91 31.59 4.30
CA TYR A 398 -14.77 32.02 5.11
C TYR A 398 -13.53 32.39 4.27
N LYS A 399 -12.71 33.30 4.76
CA LYS A 399 -11.43 33.56 4.13
C LYS A 399 -10.60 32.35 4.45
N PRO A 400 -9.96 31.71 3.44
CA PRO A 400 -9.10 30.54 3.67
C PRO A 400 -7.90 30.83 4.56
N ALA A 401 -7.50 29.86 5.34
CA ALA A 401 -6.15 29.86 5.90
C ALA A 401 -5.18 29.40 4.78
N VAL A 402 -3.96 29.88 4.87
CA VAL A 402 -3.00 29.74 3.80
C VAL A 402 -1.68 29.38 4.42
N ALA A 403 -1.18 28.23 4.03
CA ALA A 403 0.12 27.75 4.45
C ALA A 403 0.96 27.37 3.23
N VAL A 404 2.26 27.61 3.34
CA VAL A 404 3.25 27.31 2.29
C VAL A 404 4.39 26.43 2.82
N TYR A 405 4.56 25.26 2.22
CA TYR A 405 5.83 24.52 2.36
C TYR A 405 6.74 25.13 1.28
N GLY A 406 7.58 26.06 1.71
CA GLY A 406 8.37 26.88 0.77
C GLY A 406 8.44 28.38 1.10
N PRO A 407 9.07 29.18 0.20
CA PRO A 407 9.33 30.60 0.53
C PRO A 407 8.27 31.58 0.04
N ALA A 408 7.35 31.13 -0.82
CA ALA A 408 6.19 31.93 -1.29
C ALA A 408 5.59 32.82 -0.22
N VAL A 409 5.37 34.09 -0.54
CA VAL A 409 4.69 35.06 0.35
C VAL A 409 3.19 34.65 0.47
N PRO A 410 2.74 34.22 1.69
CA PRO A 410 1.40 33.63 1.88
C PRO A 410 0.24 34.59 1.68
N ASN A 411 0.42 35.87 2.07
CA ASN A 411 -0.59 36.96 1.96
C ASN A 411 -0.94 37.29 0.53
N GLU A 412 0.05 37.12 -0.36
CA GLU A 412 -0.12 37.22 -1.81
C GLU A 412 -1.19 36.26 -2.35
N ILE A 413 -1.09 34.98 -1.98
CA ILE A 413 -2.06 33.94 -2.35
C ILE A 413 -3.42 34.25 -1.73
N ALA A 414 -3.38 34.76 -0.49
CA ALA A 414 -4.57 35.16 0.27
C ALA A 414 -5.39 36.24 -0.45
N LYS A 415 -4.69 37.27 -0.97
CA LYS A 415 -5.26 38.36 -1.81
C LYS A 415 -6.20 37.87 -2.93
N VAL A 416 -5.85 36.73 -3.53
CA VAL A 416 -6.69 36.03 -4.51
C VAL A 416 -8.15 35.82 -4.06
N PHE A 417 -8.40 35.84 -2.75
CA PHE A 417 -9.73 35.52 -2.20
C PHE A 417 -10.54 36.73 -1.67
N GLU A 418 -10.90 37.64 -2.61
CA GLU A 418 -11.80 38.81 -2.44
C GLU A 418 -12.00 39.50 -3.78
N ILE B 4 -11.65 -15.40 5.49
CA ILE B 4 -12.88 -15.36 4.61
C ILE B 4 -13.01 -16.53 3.63
N SER B 5 -11.95 -17.30 3.49
CA SER B 5 -11.92 -18.45 2.61
C SER B 5 -11.83 -19.68 3.50
N ARG B 6 -12.66 -20.68 3.27
CA ARG B 6 -12.73 -21.80 4.22
C ARG B 6 -11.64 -22.90 4.04
N TYR B 7 -10.43 -22.47 3.68
CA TYR B 7 -9.20 -23.29 3.46
C TYR B 7 -9.21 -24.66 2.67
N ALA B 8 -10.11 -24.83 1.69
CA ALA B 8 -9.96 -25.86 0.62
C ALA B 8 -10.51 -25.47 -0.76
N VAL B 9 -9.78 -25.85 -1.81
CA VAL B 9 -10.22 -26.27 -3.18
C VAL B 9 -11.12 -25.47 -4.18
N PRO B 10 -10.67 -25.28 -5.46
CA PRO B 10 -11.46 -24.56 -6.43
C PRO B 10 -12.21 -25.50 -7.41
N GLN B 11 -13.15 -24.95 -8.16
CA GLN B 11 -13.99 -25.72 -9.04
C GLN B 11 -13.83 -25.15 -10.44
N ILE B 12 -13.47 -26.02 -11.37
CA ILE B 12 -13.08 -25.59 -12.73
C ILE B 12 -14.01 -26.21 -13.75
N SER B 13 -14.61 -25.40 -14.61
CA SER B 13 -15.41 -25.93 -15.75
C SER B 13 -14.86 -25.41 -17.06
N LYS B 14 -14.99 -26.17 -18.15
CA LYS B 14 -14.59 -25.64 -19.47
C LYS B 14 -15.76 -25.40 -20.43
N LEU B 15 -15.92 -24.17 -20.89
CA LEU B 15 -16.91 -23.90 -21.92
C LEU B 15 -16.55 -24.60 -23.26
N SER B 16 -17.57 -24.93 -24.06
CA SER B 16 -17.30 -25.47 -25.40
C SER B 16 -16.37 -24.56 -26.27
N ASN B 17 -16.37 -23.23 -26.08
CA ASN B 17 -15.33 -22.40 -26.74
C ASN B 17 -13.89 -22.49 -26.12
N GLY B 18 -13.75 -23.24 -25.04
CA GLY B 18 -12.43 -23.58 -24.51
C GLY B 18 -11.94 -22.65 -23.41
N VAL B 19 -12.76 -21.69 -23.00
CA VAL B 19 -12.49 -20.89 -21.82
C VAL B 19 -12.75 -21.64 -20.52
N ARG B 20 -11.70 -21.84 -19.74
CA ARG B 20 -11.82 -22.48 -18.44
C ARG B 20 -12.16 -21.45 -17.35
N VAL B 21 -13.14 -21.83 -16.52
CA VAL B 21 -13.73 -20.96 -15.50
C VAL B 21 -13.48 -21.66 -14.19
N ALA B 22 -12.58 -21.05 -13.41
CA ALA B 22 -12.16 -21.54 -12.12
C ALA B 22 -12.68 -20.59 -11.05
N THR B 23 -13.46 -21.13 -10.12
CA THR B 23 -13.97 -20.34 -8.98
C THR B 23 -13.65 -21.05 -7.68
N ILE B 24 -13.50 -20.25 -6.63
CA ILE B 24 -13.32 -20.79 -5.32
C ILE B 24 -14.30 -20.04 -4.42
N PRO B 25 -14.95 -20.77 -3.47
CA PRO B 25 -15.97 -20.12 -2.65
C PRO B 25 -15.41 -19.25 -1.53
N VAL B 26 -16.13 -18.17 -1.26
CA VAL B 26 -15.77 -17.21 -0.23
C VAL B 26 -17.06 -16.68 0.45
N ILE B 27 -16.98 -16.30 1.73
CA ILE B 27 -18.09 -15.56 2.34
C ILE B 27 -17.92 -14.05 2.02
N GLY B 28 -19.01 -13.32 1.87
CA GLY B 28 -18.88 -11.87 1.71
C GLY B 28 -19.64 -11.21 0.60
N GLU B 29 -19.68 -9.90 0.69
CA GLU B 29 -20.32 -9.01 -0.28
C GLU B 29 -19.47 -8.89 -1.56
N ALA B 30 -18.20 -9.25 -1.41
CA ALA B 30 -17.19 -8.95 -2.37
C ALA B 30 -16.98 -10.13 -3.33
N THR B 31 -16.71 -9.76 -4.59
CA THR B 31 -16.27 -10.69 -5.64
C THR B 31 -15.12 -10.14 -6.52
N THR B 32 -14.02 -10.89 -6.58
CA THR B 32 -12.94 -10.56 -7.49
C THR B 32 -12.94 -11.53 -8.64
N LEU B 33 -12.83 -10.96 -9.83
CA LEU B 33 -12.93 -11.75 -11.03
C LEU B 33 -12.16 -11.17 -12.18
N GLY B 34 -11.69 -12.09 -13.02
CA GLY B 34 -11.05 -11.69 -14.26
C GLY B 34 -10.30 -12.79 -14.99
N TYR B 35 -9.40 -12.33 -15.85
CA TYR B 35 -8.63 -13.20 -16.69
C TYR B 35 -7.17 -13.24 -16.23
N TRP B 36 -6.65 -14.44 -16.04
CA TRP B 36 -5.22 -14.67 -15.74
C TRP B 36 -4.59 -15.34 -16.90
N ILE B 37 -3.59 -14.68 -17.47
CA ILE B 37 -2.96 -15.12 -18.70
C ILE B 37 -1.46 -15.38 -18.44
N LYS B 38 -0.94 -16.51 -18.90
CA LYS B 38 0.50 -16.70 -18.82
C LYS B 38 1.21 -15.86 -19.89
N SER B 39 1.31 -14.55 -19.64
CA SER B 39 1.98 -13.60 -20.53
C SER B 39 2.84 -12.66 -19.68
N GLY B 40 4.10 -12.41 -20.05
CA GLY B 40 4.99 -11.53 -19.26
C GLY B 40 6.37 -11.41 -19.88
N SER B 41 7.30 -10.71 -19.26
CA SER B 41 8.63 -10.52 -19.92
C SER B 41 9.55 -11.75 -20.04
N MET B 42 9.28 -12.84 -19.33
CA MET B 42 10.02 -14.08 -19.53
C MET B 42 9.87 -14.69 -20.93
N TYR B 43 8.72 -14.46 -21.55
CA TYR B 43 8.42 -15.11 -22.81
C TYR B 43 8.84 -14.24 -24.04
N GLU B 44 9.44 -13.10 -23.76
CA GLU B 44 9.88 -12.19 -24.82
C GLU B 44 11.32 -12.50 -25.18
N ASN B 45 11.80 -11.87 -26.26
CA ASN B 45 13.19 -11.93 -26.70
C ASN B 45 13.70 -10.50 -26.90
N ALA B 46 14.96 -10.35 -27.33
CA ALA B 46 15.56 -9.03 -27.44
C ALA B 46 14.72 -8.13 -28.38
N SER B 47 14.23 -8.70 -29.47
CA SER B 47 13.52 -7.93 -30.48
C SER B 47 12.11 -7.43 -30.10
N ASN B 48 11.39 -8.12 -29.24
CA ASN B 48 10.06 -7.62 -28.81
C ASN B 48 9.92 -7.32 -27.30
N SER B 49 11.05 -7.21 -26.61
CA SER B 49 11.05 -6.92 -25.18
C SER B 49 10.23 -5.67 -24.86
N GLY B 50 9.38 -5.79 -23.85
CA GLY B 50 8.44 -4.75 -23.47
C GLY B 50 7.01 -4.95 -23.94
N VAL B 51 6.81 -5.86 -24.89
CA VAL B 51 5.57 -5.95 -25.62
C VAL B 51 4.37 -6.46 -24.79
N SER B 52 4.57 -7.46 -23.93
CA SER B 52 3.56 -7.92 -22.95
C SER B 52 2.96 -6.79 -22.11
N HIS B 53 3.83 -5.90 -21.62
CA HIS B 53 3.36 -4.80 -20.79
C HIS B 53 2.62 -3.80 -21.65
N TYR B 54 3.20 -3.52 -22.83
CA TYR B 54 2.60 -2.59 -23.79
C TYR B 54 1.20 -3.04 -24.14
N LEU B 55 1.03 -4.34 -24.38
CA LEU B 55 -0.21 -4.89 -24.80
C LEU B 55 -1.24 -4.66 -23.72
N GLN B 56 -0.85 -4.98 -22.49
CA GLN B 56 -1.70 -4.75 -21.33
C GLN B 56 -2.33 -3.36 -21.34
N HIS B 57 -1.53 -2.33 -21.63
CA HIS B 57 -2.04 -0.94 -21.77
C HIS B 57 -3.07 -0.76 -22.92
N VAL B 58 -2.69 -1.09 -24.17
CA VAL B 58 -3.60 -1.10 -25.31
C VAL B 58 -4.95 -1.76 -24.97
N ILE B 59 -4.94 -2.98 -24.47
CA ILE B 59 -6.16 -3.71 -24.05
C ILE B 59 -7.05 -2.80 -23.20
N PHE B 60 -6.48 -2.21 -22.16
CA PHE B 60 -7.19 -1.27 -21.29
C PHE B 60 -7.68 0.02 -21.94
N ARG B 61 -7.09 0.40 -23.06
CA ARG B 61 -7.50 1.62 -23.75
C ARG B 61 -8.80 1.42 -24.57
N GLY B 62 -9.63 0.46 -24.18
CA GLY B 62 -10.91 0.19 -24.84
C GLY B 62 -10.80 -0.50 -26.19
N ASN B 63 -11.93 -1.08 -26.62
CA ASN B 63 -12.08 -1.80 -27.91
C ASN B 63 -13.34 -1.25 -28.63
N GLU B 64 -13.92 -1.97 -29.60
CA GLU B 64 -15.13 -1.48 -30.24
C GLU B 64 -16.34 -1.28 -29.32
N LYS B 65 -16.85 -2.34 -28.73
CA LYS B 65 -18.03 -2.26 -27.86
C LYS B 65 -17.79 -1.42 -26.61
N TYR B 66 -16.54 -1.33 -26.15
CA TYR B 66 -16.23 -0.40 -25.06
C TYR B 66 -15.01 0.45 -25.40
N PRO B 67 -15.21 1.66 -25.96
CA PRO B 67 -14.10 2.63 -26.06
C PRO B 67 -13.73 3.16 -24.68
N GLN B 68 -12.62 3.90 -24.66
CA GLN B 68 -12.06 4.49 -23.42
C GLN B 68 -13.15 5.19 -22.60
N ARG B 69 -13.97 5.95 -23.33
CA ARG B 69 -15.13 6.71 -22.81
C ARG B 69 -16.16 5.88 -22.06
N LYS B 70 -16.58 4.74 -22.60
CA LYS B 70 -17.56 3.92 -21.91
C LYS B 70 -16.95 3.18 -20.70
N LEU B 71 -15.62 3.04 -20.72
CA LEU B 71 -14.89 2.44 -19.58
C LEU B 71 -14.88 3.39 -18.40
N GLU B 72 -14.61 4.67 -18.70
CA GLU B 72 -14.68 5.77 -17.74
C GLU B 72 -16.07 5.87 -17.09
N GLN B 73 -17.12 5.89 -17.92
CA GLN B 73 -18.49 5.88 -17.42
C GLN B 73 -18.75 4.70 -16.47
N LEU B 74 -18.15 3.55 -16.77
CA LEU B 74 -18.36 2.36 -15.97
C LEU B 74 -17.71 2.44 -14.59
N ALA B 75 -16.59 3.17 -14.52
CA ALA B 75 -15.93 3.42 -13.24
C ALA B 75 -16.81 4.34 -12.42
N GLU B 76 -16.93 5.58 -12.94
CA GLU B 76 -17.76 6.70 -12.43
C GLU B 76 -19.20 6.45 -11.98
N TYR B 77 -19.97 5.65 -12.73
CA TYR B 77 -21.42 5.53 -12.44
C TYR B 77 -21.89 4.14 -12.11
N GLU B 78 -21.18 3.13 -12.60
CA GLU B 78 -21.71 1.75 -12.49
C GLU B 78 -20.84 0.83 -11.61
N GLY B 79 -19.76 1.40 -11.07
CA GLY B 79 -18.95 0.79 -10.00
C GLY B 79 -18.10 -0.39 -10.43
N ILE B 80 -17.61 -0.33 -11.67
CA ILE B 80 -16.78 -1.36 -12.28
C ILE B 80 -15.40 -0.73 -12.37
N ASN B 81 -14.51 -1.16 -11.49
CA ASN B 81 -13.13 -0.66 -11.50
C ASN B 81 -12.12 -1.63 -12.02
N LEU B 82 -11.60 -1.30 -13.20
CA LEU B 82 -10.67 -2.15 -13.91
C LEU B 82 -9.20 -1.99 -13.45
N MET B 83 -8.67 -3.13 -12.97
CA MET B 83 -7.28 -3.33 -12.51
C MET B 83 -6.59 -4.24 -13.51
N ALA B 84 -5.33 -3.95 -13.80
CA ALA B 84 -4.49 -4.88 -14.59
C ALA B 84 -3.04 -4.80 -14.17
N SER B 85 -2.28 -5.85 -14.43
CA SER B 85 -0.83 -5.83 -14.20
C SER B 85 -0.12 -6.95 -14.93
N THR B 86 1.18 -6.71 -15.17
CA THR B 86 2.10 -7.59 -15.87
C THR B 86 3.35 -7.82 -15.03
N SER B 87 3.62 -9.08 -14.67
CA SER B 87 4.88 -9.46 -13.99
C SER B 87 5.84 -10.05 -15.02
N ARG B 88 6.97 -10.57 -14.59
CA ARG B 88 7.87 -11.24 -15.51
C ARG B 88 7.24 -12.54 -16.03
N VAL B 89 6.30 -13.11 -15.28
CA VAL B 89 5.80 -14.45 -15.56
C VAL B 89 4.30 -14.54 -15.96
N THR B 90 3.48 -13.56 -15.55
CA THR B 90 2.03 -13.57 -15.77
C THR B 90 1.41 -12.16 -15.86
N THR B 91 0.14 -12.11 -16.26
CA THR B 91 -0.62 -10.90 -16.55
C THR B 91 -2.06 -11.15 -16.16
N ASN B 92 -2.71 -10.14 -15.56
CA ASN B 92 -4.12 -10.29 -15.28
C ASN B 92 -4.89 -9.00 -15.51
N PHE B 93 -6.19 -9.13 -15.78
CA PHE B 93 -7.12 -8.00 -15.89
C PHE B 93 -8.26 -8.41 -15.01
N ASN B 94 -8.64 -7.53 -14.09
CA ASN B 94 -9.62 -7.88 -13.06
C ASN B 94 -10.41 -6.69 -12.56
N ALA B 95 -11.51 -6.98 -11.86
CA ALA B 95 -12.36 -5.99 -11.23
C ALA B 95 -12.79 -6.59 -9.91
N THR B 96 -12.99 -5.72 -8.94
CA THR B 96 -13.57 -6.17 -7.69
C THR B 96 -14.94 -5.47 -7.60
N ILE B 97 -16.00 -6.27 -7.45
CA ILE B 97 -17.39 -5.80 -7.60
C ILE B 97 -18.32 -6.34 -6.52
N SER B 98 -19.53 -5.77 -6.48
CA SER B 98 -20.71 -6.34 -5.78
C SER B 98 -21.43 -7.29 -6.72
N ASN B 99 -22.04 -8.34 -6.17
CA ASN B 99 -22.54 -9.46 -6.96
C ASN B 99 -23.55 -9.17 -8.04
N ASP B 100 -24.28 -8.09 -7.84
CA ASP B 100 -25.27 -7.64 -8.81
C ASP B 100 -24.62 -7.10 -10.09
N LYS B 101 -23.33 -6.74 -10.03
CA LYS B 101 -22.65 -6.17 -11.20
C LYS B 101 -21.98 -7.26 -12.10
N LEU B 102 -22.14 -8.54 -11.69
CA LEU B 102 -21.58 -9.72 -12.36
C LEU B 102 -21.57 -9.75 -13.88
N ASP B 103 -22.74 -9.59 -14.49
CA ASP B 103 -22.92 -9.67 -15.96
C ASP B 103 -22.19 -8.59 -16.70
N VAL B 104 -22.29 -7.34 -16.25
CA VAL B 104 -21.58 -6.24 -16.93
C VAL B 104 -20.07 -6.54 -16.80
N ALA B 105 -19.65 -6.99 -15.61
CA ALA B 105 -18.24 -7.22 -15.38
C ALA B 105 -17.68 -8.31 -16.32
N THR B 106 -18.34 -9.48 -16.33
CA THR B 106 -17.86 -10.55 -17.17
C THR B 106 -17.91 -10.14 -18.62
N ASP B 107 -18.93 -9.37 -18.99
CA ASP B 107 -19.00 -8.88 -20.37
C ASP B 107 -17.82 -8.02 -20.77
N VAL B 108 -17.47 -7.02 -19.95
CA VAL B 108 -16.42 -6.04 -20.28
C VAL B 108 -15.06 -6.72 -20.34
N LEU B 109 -14.80 -7.49 -19.30
CA LEU B 109 -13.58 -8.23 -19.17
C LEU B 109 -13.35 -9.19 -20.35
N SER B 110 -14.35 -10.02 -20.67
CA SER B 110 -14.22 -10.92 -21.83
C SER B 110 -13.96 -10.13 -23.13
N GLN B 111 -14.69 -9.03 -23.27
CA GLN B 111 -14.59 -8.20 -24.42
C GLN B 111 -13.20 -7.59 -24.58
N LEU B 112 -12.65 -7.10 -23.48
CA LEU B 112 -11.40 -6.34 -23.60
C LEU B 112 -10.17 -7.24 -23.85
N VAL B 113 -10.13 -8.33 -23.10
CA VAL B 113 -9.04 -9.29 -23.04
C VAL B 113 -9.12 -10.17 -24.28
N LEU B 114 -10.32 -10.67 -24.56
CA LEU B 114 -10.50 -11.61 -25.68
C LEU B 114 -10.91 -11.00 -27.00
N ASN B 115 -11.21 -9.71 -27.05
CA ASN B 115 -11.75 -9.15 -28.27
C ASN B 115 -11.20 -7.75 -28.61
N PRO B 116 -9.87 -7.57 -28.53
CA PRO B 116 -9.38 -6.18 -28.61
C PRO B 116 -9.46 -5.61 -30.04
N ARG B 117 -9.23 -4.32 -30.19
CA ARG B 117 -9.17 -3.70 -31.52
C ARG B 117 -7.84 -2.95 -31.55
N ILE B 118 -6.80 -3.63 -32.01
CA ILE B 118 -5.44 -3.10 -31.87
C ILE B 118 -5.02 -2.29 -33.10
N LYS B 119 -5.21 -0.97 -33.01
CA LYS B 119 -4.98 -0.06 -34.14
C LYS B 119 -3.83 0.91 -33.85
N LYS B 120 -3.04 1.22 -34.90
CA LYS B 120 -1.87 2.12 -34.84
C LYS B 120 -2.09 3.39 -34.00
N SER B 121 -3.25 4.02 -34.15
CA SER B 121 -3.57 5.24 -33.42
C SER B 121 -3.57 5.08 -31.87
N ILE B 122 -4.21 4.04 -31.32
CA ILE B 122 -4.12 3.66 -29.88
C ILE B 122 -2.70 3.26 -29.42
N VAL B 123 -2.04 2.36 -30.17
CA VAL B 123 -0.62 2.01 -29.98
C VAL B 123 0.28 3.27 -29.85
N ASP B 124 0.44 4.03 -30.94
CA ASP B 124 1.20 5.29 -30.91
C ASP B 124 0.78 6.26 -29.81
N ASN B 125 -0.52 6.42 -29.62
CA ASN B 125 -1.01 7.28 -28.56
C ASN B 125 -0.62 6.77 -27.18
N GLU B 126 -0.50 5.45 -26.99
CA GLU B 126 -0.06 4.93 -25.69
C GLU B 126 1.42 5.11 -25.34
N ARG B 127 2.28 5.35 -26.35
CA ARG B 127 3.73 5.35 -26.16
C ARG B 127 4.21 6.27 -25.03
N ASP B 128 3.62 7.47 -24.99
CA ASP B 128 4.02 8.48 -24.03
C ASP B 128 3.71 8.12 -22.60
N THR B 129 2.50 7.63 -22.38
CA THR B 129 2.10 7.06 -21.11
C THR B 129 3.10 6.04 -20.58
N ILE B 130 3.60 5.17 -21.47
CA ILE B 130 4.47 4.07 -21.07
C ILE B 130 5.85 4.62 -20.77
N LEU B 131 6.41 5.44 -21.68
CA LEU B 131 7.56 6.30 -21.38
C LEU B 131 7.54 7.01 -20.00
N ALA B 132 6.41 7.60 -19.64
CA ALA B 132 6.28 8.33 -18.38
C ALA B 132 6.36 7.37 -17.22
N GLU B 133 5.52 6.34 -17.28
CA GLU B 133 5.57 5.24 -16.33
C GLU B 133 7.02 4.74 -16.16
N GLU B 134 7.76 4.60 -17.25
CA GLU B 134 9.14 4.13 -17.16
C GLU B 134 10.06 5.11 -16.43
N TYR B 135 9.84 6.41 -16.63
CA TYR B 135 10.53 7.45 -15.89
C TYR B 135 10.15 7.36 -14.41
N GLU B 136 8.85 7.40 -14.11
CA GLU B 136 8.39 7.29 -12.70
C GLU B 136 9.08 6.12 -11.95
N VAL B 137 8.91 4.91 -12.48
CA VAL B 137 9.51 3.68 -11.99
C VAL B 137 11.02 3.77 -11.83
N SER B 138 11.72 4.40 -12.77
CA SER B 138 13.16 4.64 -12.61
C SER B 138 13.62 5.59 -11.45
N GLN B 139 12.66 6.20 -10.73
CA GLN B 139 12.99 7.13 -9.64
C GLN B 139 12.73 6.49 -8.29
N ASP B 140 12.22 5.27 -8.33
CA ASP B 140 12.26 4.40 -7.20
C ASP B 140 13.50 3.50 -7.28
N ILE B 141 14.45 3.75 -6.41
CA ILE B 141 15.74 3.07 -6.53
C ILE B 141 15.60 1.61 -6.20
N ASN B 142 14.61 1.26 -5.35
CA ASN B 142 14.32 -0.16 -5.13
C ASN B 142 13.98 -0.87 -6.44
N GLU B 143 13.13 -0.26 -7.30
CA GLU B 143 12.79 -0.82 -8.59
C GLU B 143 14.03 -0.90 -9.42
N VAL B 144 14.82 0.18 -9.42
CA VAL B 144 15.99 0.24 -10.28
C VAL B 144 16.96 -0.90 -9.91
N ILE B 145 17.25 -1.04 -8.60
CA ILE B 145 18.25 -2.00 -8.15
C ILE B 145 17.78 -3.46 -8.38
N TRP B 146 16.48 -3.69 -8.18
CA TRP B 146 15.81 -4.95 -8.49
C TRP B 146 16.14 -5.32 -9.94
N ASP B 147 15.88 -4.37 -10.83
CA ASP B 147 16.09 -4.56 -12.23
C ASP B 147 17.55 -4.77 -12.58
N LYS B 148 18.46 -3.93 -12.10
CA LYS B 148 19.88 -4.15 -12.36
C LYS B 148 20.33 -5.53 -11.94
N LEU B 149 19.87 -5.97 -10.75
CA LEU B 149 20.28 -7.26 -10.21
C LEU B 149 19.85 -8.43 -11.10
N HIS B 150 18.63 -8.36 -11.64
CA HIS B 150 18.16 -9.31 -12.66
C HIS B 150 19.03 -9.29 -13.94
N GLU B 151 19.21 -8.08 -14.50
CA GLU B 151 20.02 -7.81 -15.67
C GLU B 151 21.43 -8.42 -15.60
N ILE B 152 22.16 -8.19 -14.52
CA ILE B 152 23.48 -8.79 -14.45
C ILE B 152 23.51 -10.31 -14.14
N SER B 153 22.39 -10.86 -13.62
CA SER B 153 22.30 -12.27 -13.21
C SER B 153 21.82 -13.19 -14.33
N PHE B 154 20.92 -12.68 -15.17
CA PHE B 154 20.36 -13.42 -16.27
C PHE B 154 20.74 -12.79 -17.62
N LYS B 155 21.51 -13.51 -18.42
CA LYS B 155 21.69 -13.12 -19.84
C LYS B 155 20.41 -13.45 -20.65
N THR B 156 19.66 -14.44 -20.18
CA THR B 156 18.35 -14.85 -20.69
C THR B 156 17.21 -13.84 -20.34
N SER B 157 16.00 -14.12 -20.81
CA SER B 157 14.92 -13.12 -20.88
C SER B 157 14.45 -12.52 -19.53
N ILE B 158 14.72 -13.21 -18.42
CA ILE B 158 14.38 -12.72 -17.10
C ILE B 158 15.13 -11.42 -16.72
N GLY B 159 16.29 -11.23 -17.35
CA GLY B 159 17.11 -10.06 -17.13
C GLY B 159 16.60 -8.86 -17.89
N PHE B 160 15.50 -8.99 -18.64
CA PHE B 160 14.87 -7.83 -19.25
C PHE B 160 14.03 -7.15 -18.22
N PRO B 161 13.94 -5.82 -18.29
CA PRO B 161 12.95 -5.21 -17.39
C PRO B 161 11.54 -5.54 -17.93
N ILE B 162 10.52 -5.62 -17.08
CA ILE B 162 9.11 -5.79 -17.51
C ILE B 162 8.68 -4.74 -18.52
N LEU B 163 8.85 -3.45 -18.19
CA LEU B 163 8.49 -2.37 -19.12
C LEU B 163 9.21 -2.35 -20.47
N GLY B 164 10.40 -2.94 -20.54
CA GLY B 164 11.27 -2.87 -21.73
C GLY B 164 12.29 -1.74 -21.55
N SER B 165 13.42 -1.84 -22.23
CA SER B 165 14.39 -0.76 -22.17
C SER B 165 13.79 0.43 -22.91
N HIS B 166 14.27 1.63 -22.57
CA HIS B 166 13.86 2.88 -23.20
C HIS B 166 13.75 2.80 -24.75
N GLN B 167 14.83 2.35 -25.38
CA GLN B 167 14.85 2.12 -26.80
C GLN B 167 13.72 1.17 -27.25
N SER B 168 13.48 0.10 -26.49
CA SER B 168 12.42 -0.88 -26.85
C SER B 168 11.03 -0.25 -26.81
N ILE B 169 10.69 0.48 -25.72
CA ILE B 169 9.41 1.14 -25.62
C ILE B 169 9.19 2.04 -26.82
N GLN B 170 10.28 2.62 -27.32
CA GLN B 170 10.20 3.54 -28.45
C GLN B 170 9.98 2.86 -29.79
N LYS B 171 10.45 1.63 -29.91
CA LYS B 171 10.40 0.85 -31.16
C LYS B 171 9.28 -0.21 -31.30
N ILE B 172 8.32 -0.22 -30.38
CA ILE B 172 7.30 -1.25 -30.36
C ILE B 172 6.26 -0.84 -31.38
N THR B 173 5.98 -1.74 -32.33
CA THR B 173 5.09 -1.50 -33.46
C THR B 173 3.76 -2.14 -33.14
N THR B 174 2.71 -1.72 -33.86
CA THR B 174 1.37 -2.32 -33.76
C THR B 174 1.39 -3.82 -34.17
N GLU B 175 2.24 -4.17 -35.14
CA GLU B 175 2.38 -5.55 -35.55
C GLU B 175 2.79 -6.41 -34.35
N MET B 176 3.85 -5.99 -33.66
CA MET B 176 4.32 -6.63 -32.40
C MET B 176 3.23 -6.80 -31.31
N VAL B 177 2.43 -5.77 -31.09
CA VAL B 177 1.38 -5.82 -30.10
C VAL B 177 0.33 -6.88 -30.53
N GLN B 178 -0.06 -6.84 -31.80
CA GLN B 178 -1.00 -7.79 -32.38
C GLN B 178 -0.52 -9.25 -32.19
N SER B 179 0.70 -9.48 -32.63
CA SER B 179 1.28 -10.78 -32.56
C SER B 179 1.29 -11.34 -31.13
N GLN B 180 1.58 -10.50 -30.14
CA GLN B 180 1.69 -10.94 -28.77
C GLN B 180 0.32 -11.34 -28.28
N HIS B 181 -0.69 -10.56 -28.68
CA HIS B 181 -2.07 -10.91 -28.37
C HIS B 181 -2.47 -12.23 -29.04
N SER B 182 -2.10 -12.38 -30.31
CA SER B 182 -2.48 -13.55 -31.10
C SER B 182 -1.85 -14.82 -30.57
N ASN B 183 -0.70 -14.69 -29.88
CA ASN B 183 0.09 -15.84 -29.45
C ASN B 183 0.00 -16.21 -28.01
N PHE B 184 -0.52 -15.29 -27.20
CA PHE B 184 -0.51 -15.46 -25.76
C PHE B 184 -1.85 -15.30 -25.13
N PHE B 185 -2.78 -14.65 -25.83
CA PHE B 185 -4.13 -14.42 -25.30
C PHE B 185 -5.22 -15.41 -25.78
N ASN B 186 -4.82 -16.65 -26.04
CA ASN B 186 -5.78 -17.63 -26.48
C ASN B 186 -6.30 -18.44 -25.32
N GLN B 187 -7.53 -18.92 -25.50
CA GLN B 187 -8.25 -19.74 -24.54
C GLN B 187 -7.37 -20.69 -23.81
N ASP B 188 -6.40 -21.29 -24.51
CA ASP B 188 -5.55 -22.33 -23.95
C ASP B 188 -4.34 -21.83 -23.13
N ASN B 189 -4.13 -20.53 -23.11
CA ASN B 189 -3.05 -19.94 -22.36
C ASN B 189 -3.59 -19.16 -21.16
N LEU B 190 -4.89 -19.27 -20.85
CA LEU B 190 -5.49 -18.41 -19.80
C LEU B 190 -6.55 -19.14 -18.93
N TYR B 191 -6.97 -18.47 -17.85
CA TYR B 191 -8.18 -18.87 -17.13
C TYR B 191 -8.96 -17.65 -16.81
N PHE B 192 -10.28 -17.79 -16.72
CA PHE B 192 -11.08 -16.82 -16.03
C PHE B 192 -11.20 -17.25 -14.57
N VAL B 193 -10.96 -16.31 -13.64
CA VAL B 193 -10.98 -16.64 -12.19
C VAL B 193 -12.10 -15.88 -11.44
N ALA B 194 -12.76 -16.54 -10.50
CA ALA B 194 -13.71 -15.85 -9.59
C ALA B 194 -13.59 -16.25 -8.11
N VAL B 195 -13.30 -15.26 -7.26
CA VAL B 195 -13.40 -15.45 -5.82
C VAL B 195 -14.72 -14.79 -5.36
N THR B 196 -15.62 -15.62 -4.83
CA THR B 196 -17.03 -15.27 -4.78
C THR B 196 -17.88 -16.14 -3.91
N SER B 197 -18.95 -15.55 -3.39
CA SER B 197 -20.02 -16.32 -2.69
C SER B 197 -20.99 -16.98 -3.67
N LEU B 198 -21.22 -16.33 -4.83
CA LEU B 198 -22.08 -16.85 -5.90
C LEU B 198 -21.72 -18.30 -6.27
N PRO B 199 -22.71 -19.14 -6.62
CA PRO B 199 -22.24 -20.51 -6.92
C PRO B 199 -21.49 -20.58 -8.26
N HIS B 200 -20.69 -21.64 -8.40
CA HIS B 200 -19.87 -21.84 -9.59
C HIS B 200 -20.66 -21.64 -10.89
N ASP B 201 -21.85 -22.26 -10.94
CA ASP B 201 -22.64 -22.31 -12.14
C ASP B 201 -23.14 -20.96 -12.61
N VAL B 202 -23.34 -20.05 -11.67
CA VAL B 202 -23.81 -18.72 -11.97
C VAL B 202 -22.70 -17.95 -12.68
N ILE B 203 -21.44 -18.18 -12.25
CA ILE B 203 -20.30 -17.50 -12.85
C ILE B 203 -20.08 -18.10 -14.22
N LEU B 204 -20.14 -19.43 -14.27
CA LEU B 204 -19.99 -20.15 -15.52
C LEU B 204 -20.96 -19.66 -16.60
N LYS B 205 -22.25 -19.59 -16.25
CA LYS B 205 -23.30 -19.16 -17.14
C LYS B 205 -23.09 -17.70 -17.56
N SER B 206 -22.62 -16.88 -16.62
CA SER B 206 -22.33 -15.49 -16.93
C SER B 206 -21.19 -15.34 -17.96
N VAL B 207 -20.12 -16.11 -17.77
CA VAL B 207 -18.98 -16.07 -18.67
C VAL B 207 -19.37 -16.59 -20.06
N GLU B 208 -20.20 -17.64 -20.09
CA GLU B 208 -20.76 -18.16 -21.36
C GLU B 208 -21.55 -17.11 -22.17
N LYS B 209 -22.43 -16.37 -21.48
CA LYS B 209 -23.13 -15.25 -22.10
C LYS B 209 -22.13 -14.26 -22.67
N ALA B 210 -21.16 -13.91 -21.82
CA ALA B 210 -20.11 -12.92 -22.11
C ALA B 210 -19.17 -13.27 -23.26
N THR B 211 -18.89 -14.57 -23.44
CA THR B 211 -17.98 -15.01 -24.49
C THR B 211 -18.65 -15.60 -25.72
N GLN B 212 -19.89 -15.20 -26.00
CA GLN B 212 -20.64 -15.80 -27.14
C GLN B 212 -20.03 -15.61 -28.53
N PHE B 213 -19.27 -14.53 -28.72
CA PHE B 213 -18.56 -14.21 -29.96
C PHE B 213 -17.33 -15.06 -30.28
N LEU B 214 -16.89 -15.87 -29.31
CA LEU B 214 -15.55 -16.43 -29.36
C LEU B 214 -15.57 -17.82 -29.95
N LYS B 215 -14.91 -17.93 -31.09
CA LYS B 215 -14.80 -19.17 -31.81
C LYS B 215 -13.72 -20.12 -31.23
N PRO B 216 -13.99 -21.43 -31.16
CA PRO B 216 -13.03 -22.40 -30.63
C PRO B 216 -11.74 -22.50 -31.46
N LEU B 217 -10.69 -22.99 -30.83
CA LEU B 217 -9.42 -23.17 -31.51
C LEU B 217 -9.42 -24.45 -32.36
N ALA B 218 -8.94 -24.35 -33.59
CA ALA B 218 -8.87 -25.46 -34.51
C ALA B 218 -7.82 -26.50 -34.17
N SER B 219 -6.80 -26.11 -33.41
CA SER B 219 -5.53 -26.87 -33.22
C SER B 219 -4.85 -26.32 -31.97
N HIS B 220 -3.82 -26.99 -31.45
CA HIS B 220 -3.13 -26.39 -30.33
C HIS B 220 -1.65 -26.37 -30.54
N PRO B 221 -1.14 -25.40 -31.35
CA PRO B 221 0.32 -25.22 -31.47
C PRO B 221 0.88 -25.00 -30.07
N LYS B 222 1.95 -25.71 -29.72
CA LYS B 222 2.70 -25.56 -28.46
C LYS B 222 2.77 -24.10 -27.97
N LEU B 223 2.32 -23.84 -26.75
CA LEU B 223 2.21 -22.48 -26.22
C LEU B 223 3.53 -21.73 -26.25
N ALA B 224 3.51 -20.51 -26.79
CA ALA B 224 4.67 -19.61 -26.73
C ALA B 224 5.15 -19.39 -25.26
N SER B 225 4.22 -19.49 -24.31
CA SER B 225 4.53 -19.33 -22.89
C SER B 225 5.20 -20.51 -22.25
N ASP B 226 5.39 -21.59 -23.00
CA ASP B 226 6.05 -22.80 -22.46
C ASP B 226 7.42 -22.50 -21.87
N ASN B 227 7.60 -22.94 -20.63
CA ASN B 227 8.83 -22.74 -19.87
C ASN B 227 10.06 -23.23 -20.65
N ASP B 228 9.92 -24.37 -21.35
CA ASP B 228 11.06 -24.97 -22.05
C ASP B 228 11.47 -24.20 -23.33
N LEU B 229 10.61 -23.31 -23.80
CA LEU B 229 11.00 -22.40 -24.87
C LEU B 229 11.74 -21.16 -24.37
N HIS B 230 11.95 -21.05 -23.03
CA HIS B 230 12.60 -19.90 -22.36
C HIS B 230 13.46 -20.30 -21.15
N VAL B 231 14.34 -21.27 -21.39
CA VAL B 231 15.27 -21.72 -20.38
C VAL B 231 16.11 -20.51 -19.85
N GLN B 232 16.14 -20.37 -18.53
CA GLN B 232 16.80 -19.23 -17.88
C GLN B 232 18.16 -19.68 -17.36
N LYS B 233 19.14 -18.80 -17.38
CA LYS B 233 20.48 -19.15 -16.92
C LYS B 233 21.02 -18.05 -15.98
N PHE B 234 21.14 -18.40 -14.71
CA PHE B 234 21.66 -17.51 -13.71
C PHE B 234 23.17 -17.61 -13.78
N GLU B 235 23.83 -16.45 -13.76
CA GLU B 235 25.26 -16.35 -13.66
C GLU B 235 25.61 -15.19 -12.75
N PRO B 236 26.34 -15.48 -11.65
CA PRO B 236 26.55 -14.43 -10.66
C PRO B 236 27.50 -13.35 -11.18
N ASN B 237 27.09 -12.12 -11.01
CA ASN B 237 27.87 -10.98 -11.46
C ASN B 237 27.82 -9.84 -10.50
N GLN B 238 28.84 -9.01 -10.60
CA GLN B 238 29.04 -7.98 -9.61
C GLN B 238 29.16 -6.69 -10.48
N LYS B 239 28.30 -5.69 -10.26
CA LYS B 239 28.36 -4.42 -10.98
C LYS B 239 27.95 -3.18 -10.14
N GLN B 240 28.73 -2.12 -10.26
CA GLN B 240 28.54 -0.88 -9.52
C GLN B 240 28.14 0.29 -10.41
N TYR B 241 27.17 1.07 -9.92
CA TYR B 241 26.64 2.23 -10.65
C TYR B 241 26.77 3.55 -9.85
N LEU B 242 26.84 4.69 -10.57
CA LEU B 242 26.65 6.01 -9.94
C LEU B 242 25.22 6.51 -10.01
N LEU B 243 24.82 7.18 -8.96
CA LEU B 243 23.69 8.07 -9.00
C LEU B 243 23.98 9.14 -7.93
N PRO B 244 24.74 10.22 -8.30
CA PRO B 244 25.18 11.25 -7.30
C PRO B 244 24.09 12.15 -6.62
N GLN B 245 22.93 12.23 -7.28
CA GLN B 245 21.68 12.74 -6.73
C GLN B 245 21.23 12.00 -5.45
N LEU B 246 21.77 10.81 -5.19
CA LEU B 246 21.42 10.08 -3.96
C LEU B 246 22.11 10.67 -2.73
N GLY B 247 23.14 11.49 -2.97
CA GLY B 247 23.97 12.02 -1.92
C GLY B 247 24.69 10.96 -1.13
N ASP B 248 24.67 11.13 0.18
CA ASP B 248 25.41 10.27 1.08
C ASP B 248 24.71 8.90 1.33
N ASN B 249 24.27 8.27 0.26
CA ASN B 249 23.53 7.04 0.36
C ASN B 249 23.99 6.04 -0.72
N ALA B 250 23.86 4.77 -0.43
CA ALA B 250 24.01 3.80 -1.49
C ALA B 250 22.87 2.80 -1.37
N PHE B 251 22.49 2.19 -2.49
CA PHE B 251 21.61 1.04 -2.49
C PHE B 251 22.45 -0.19 -2.83
N VAL B 252 22.07 -1.32 -2.28
CA VAL B 252 22.81 -2.54 -2.50
C VAL B 252 21.82 -3.68 -2.67
N ALA B 253 22.14 -4.60 -3.58
CA ALA B 253 21.37 -5.83 -3.69
C ALA B 253 22.28 -7.02 -3.89
N ILE B 254 21.90 -8.17 -3.32
CA ILE B 254 22.70 -9.35 -3.35
C ILE B 254 21.75 -10.43 -3.78
N GLY B 255 22.10 -11.18 -4.81
CA GLY B 255 21.23 -12.23 -5.32
C GLY B 255 21.84 -13.62 -5.42
N PHE B 256 21.01 -14.62 -5.18
CA PHE B 256 21.34 -16.04 -5.44
C PHE B 256 20.30 -16.68 -6.34
N GLU B 257 20.70 -17.65 -7.15
CA GLU B 257 19.74 -18.55 -7.76
C GLU B 257 18.86 -19.24 -6.69
N ALA B 258 17.59 -19.35 -7.03
CA ALA B 258 16.58 -19.96 -6.23
C ALA B 258 15.90 -21.12 -7.04
N PRO B 259 15.18 -22.03 -6.35
CA PRO B 259 14.59 -23.14 -7.08
C PRO B 259 13.35 -22.77 -7.85
N SER B 260 13.10 -23.49 -8.93
CA SER B 260 11.79 -23.52 -9.59
C SER B 260 10.58 -23.83 -8.65
N LEU B 261 9.38 -23.45 -9.10
CA LEU B 261 8.18 -23.52 -8.26
C LEU B 261 7.88 -24.93 -7.75
N ASP B 262 8.18 -25.93 -8.57
CA ASP B 262 7.94 -27.32 -8.25
C ASP B 262 9.12 -28.08 -7.59
N SER B 263 10.27 -27.44 -7.39
CA SER B 263 11.40 -28.17 -6.80
C SER B 263 11.01 -28.58 -5.37
N PRO B 264 11.40 -29.82 -4.92
CA PRO B 264 11.25 -30.05 -3.46
C PRO B 264 11.92 -28.93 -2.60
N LEU B 265 12.91 -28.23 -3.13
CA LEU B 265 13.62 -27.24 -2.33
C LEU B 265 13.01 -25.85 -2.31
N TYR B 266 11.94 -25.66 -3.07
CA TYR B 266 11.23 -24.38 -3.09
C TYR B 266 10.77 -23.90 -1.72
N ILE B 267 10.02 -24.75 -1.02
CA ILE B 267 9.49 -24.37 0.31
C ILE B 267 10.63 -24.00 1.28
N PRO B 268 11.70 -24.86 1.35
CA PRO B 268 12.83 -24.50 2.20
C PRO B 268 13.36 -23.11 1.87
N SER B 269 13.47 -22.81 0.57
CA SER B 269 13.95 -21.51 0.09
C SER B 269 13.08 -20.40 0.60
N GLN B 270 11.77 -20.60 0.49
CA GLN B 270 10.83 -19.65 1.07
C GLN B 270 11.02 -19.43 2.60
N ILE B 271 11.36 -20.51 3.32
CA ILE B 271 11.53 -20.45 4.78
C ILE B 271 12.79 -19.64 5.13
N VAL B 272 13.88 -19.94 4.45
CA VAL B 272 15.14 -19.25 4.65
C VAL B 272 15.04 -17.73 4.36
N LYS B 273 14.43 -17.37 3.26
CA LYS B 273 14.26 -15.98 2.92
C LYS B 273 13.41 -15.26 3.99
N SER B 274 12.31 -15.92 4.39
CA SER B 274 11.39 -15.40 5.37
C SER B 274 12.10 -15.18 6.70
N VAL B 275 12.92 -16.14 7.10
CA VAL B 275 13.61 -16.00 8.39
C VAL B 275 14.57 -14.78 8.45
N ILE B 276 15.26 -14.48 7.35
CA ILE B 276 15.97 -13.19 7.18
C ILE B 276 14.97 -12.03 7.09
N GLY B 277 13.96 -12.19 6.23
CA GLY B 277 12.85 -11.25 6.09
C GLY B 277 13.13 -9.78 5.79
N SER B 278 12.24 -8.92 6.27
CA SER B 278 12.41 -7.49 6.15
C SER B 278 12.50 -6.79 7.48
N LYS B 279 13.33 -5.76 7.55
CA LYS B 279 13.35 -4.87 8.70
C LYS B 279 12.23 -3.80 8.53
N GLU B 280 11.34 -3.70 9.50
CA GLU B 280 10.31 -2.70 9.51
C GLU B 280 10.53 -1.78 10.68
N LYS B 281 9.56 -0.93 10.95
CA LYS B 281 9.72 0.07 11.99
C LYS B 281 10.02 -0.55 13.37
N TYR B 282 9.47 -1.73 13.63
CA TYR B 282 9.52 -2.35 14.95
C TYR B 282 9.98 -3.79 14.96
N SER B 283 10.31 -4.34 13.80
CA SER B 283 10.63 -5.76 13.72
C SER B 283 11.84 -6.03 12.85
N VAL B 284 12.77 -6.84 13.36
CA VAL B 284 13.91 -7.29 12.62
C VAL B 284 14.22 -8.77 12.98
N SER B 285 14.83 -9.49 12.04
CA SER B 285 15.09 -10.92 12.20
C SER B 285 16.04 -11.17 13.38
N PRO B 286 15.73 -12.16 14.23
CA PRO B 286 16.72 -12.52 15.30
C PRO B 286 18.10 -12.78 14.72
N LEU B 287 18.15 -13.31 13.50
CA LEU B 287 19.41 -13.52 12.79
C LEU B 287 20.29 -12.32 12.51
N ILE B 288 19.70 -11.13 12.39
CA ILE B 288 20.48 -9.89 12.14
C ILE B 288 21.20 -9.45 13.42
N GLU B 289 22.54 -9.32 13.40
CA GLU B 289 23.31 -8.82 14.57
C GLU B 289 23.23 -7.29 14.79
N ASN B 290 23.46 -6.52 13.74
CA ASN B 290 23.30 -5.08 13.85
C ASN B 290 21.86 -4.67 13.49
N THR B 291 20.99 -4.52 14.49
CA THR B 291 19.57 -4.17 14.22
C THR B 291 19.37 -2.67 13.85
N ASN B 292 20.42 -1.87 14.05
CA ASN B 292 20.47 -0.49 13.59
C ASN B 292 20.56 -0.29 12.08
N ILE B 293 20.64 -1.36 11.28
CA ILE B 293 20.72 -1.18 9.80
C ILE B 293 19.50 -0.41 9.30
N ARG B 294 19.71 0.45 8.32
CA ARG B 294 18.66 1.33 7.92
C ARG B 294 17.47 0.55 7.37
N THR B 295 17.73 -0.37 6.45
CA THR B 295 16.63 -1.12 5.93
C THR B 295 17.03 -2.49 5.39
N LEU B 296 16.06 -3.38 5.20
CA LEU B 296 16.28 -4.71 4.61
C LEU B 296 15.01 -5.26 3.91
N ASN B 297 15.15 -5.72 2.68
CA ASN B 297 14.11 -6.52 2.05
C ASN B 297 14.62 -7.82 1.57
N SER B 298 13.80 -8.86 1.67
CA SER B 298 14.11 -10.17 1.11
C SER B 298 12.96 -10.62 0.21
N TYR B 299 13.29 -11.08 -1.00
CA TYR B 299 12.32 -11.68 -1.90
C TYR B 299 12.95 -12.91 -2.45
N SER B 300 12.13 -13.89 -2.77
CA SER B 300 12.56 -15.03 -3.56
C SER B 300 11.49 -15.50 -4.54
N PHE B 301 11.83 -15.50 -5.82
CA PHE B 301 10.88 -15.81 -6.88
C PHE B 301 11.31 -16.97 -7.74
N PRO B 302 10.35 -17.80 -8.21
CA PRO B 302 10.61 -18.82 -9.24
C PRO B 302 10.52 -18.28 -10.67
N TYR B 303 11.47 -18.59 -11.53
CA TYR B 303 11.36 -18.25 -12.94
C TYR B 303 11.62 -19.44 -13.85
N GLY B 304 10.55 -20.12 -14.30
CA GLY B 304 10.67 -21.38 -15.08
C GLY B 304 11.57 -22.33 -14.34
N ASN B 305 12.67 -22.73 -14.95
CA ASN B 305 13.68 -23.63 -14.33
C ASN B 305 14.51 -22.99 -13.23
N SER B 306 14.50 -21.67 -13.17
CA SER B 306 15.43 -20.97 -12.33
C SER B 306 14.59 -20.17 -11.33
N GLY B 307 15.22 -19.12 -10.80
CA GLY B 307 14.60 -18.20 -9.84
C GLY B 307 15.67 -17.36 -9.17
N LEU B 308 15.26 -16.31 -8.45
CA LEU B 308 16.22 -15.46 -7.81
C LEU B 308 15.74 -15.16 -6.40
N THR B 309 16.64 -15.34 -5.43
CA THR B 309 16.49 -14.87 -4.07
C THR B 309 17.36 -13.60 -3.99
N ALA B 310 16.80 -12.55 -3.41
CA ALA B 310 17.42 -11.24 -3.40
C ALA B 310 17.17 -10.55 -2.08
N PHE B 311 18.26 -9.92 -1.60
CA PHE B 311 18.32 -9.13 -0.39
C PHE B 311 18.80 -7.74 -0.78
N PHE B 312 18.10 -6.71 -0.29
CA PHE B 312 18.48 -5.33 -0.62
C PHE B 312 18.02 -4.31 0.36
N GLY B 313 18.70 -3.17 0.30
CA GLY B 313 18.36 -1.99 1.05
C GLY B 313 19.25 -0.81 0.74
N ASN B 314 19.23 0.17 1.63
CA ASN B 314 20.09 1.31 1.48
C ASN B 314 20.65 1.69 2.83
N GLU B 315 21.87 2.19 2.78
CA GLU B 315 22.55 2.73 3.92
C GLU B 315 23.32 4.01 3.55
N SER B 316 23.89 4.67 4.56
CA SER B 316 24.84 5.75 4.27
C SER B 316 26.04 5.11 3.63
N ILE B 317 26.84 5.86 2.87
CA ILE B 317 28.09 5.34 2.30
C ILE B 317 28.93 4.63 3.38
N ASN B 318 29.20 5.32 4.48
CA ASN B 318 29.91 4.75 5.62
C ASN B 318 29.40 3.43 6.13
N ASN B 319 28.10 3.23 6.04
CA ASN B 319 27.46 2.00 6.51
C ASN B 319 27.21 0.93 5.48
N LEU B 320 27.57 1.16 4.21
CA LEU B 320 27.22 0.18 3.18
C LEU B 320 27.94 -1.17 3.37
N ASN B 321 29.26 -1.10 3.48
CA ASN B 321 30.06 -2.29 3.54
C ASN B 321 29.69 -3.16 4.76
N GLY B 322 29.40 -2.52 5.89
CA GLY B 322 28.86 -3.15 7.08
C GLY B 322 27.57 -3.90 6.77
N TRP B 323 26.65 -3.25 6.04
CA TRP B 323 25.34 -3.83 5.65
C TRP B 323 25.51 -5.16 4.93
N VAL B 324 26.42 -5.18 3.95
CA VAL B 324 26.77 -6.41 3.26
C VAL B 324 27.28 -7.50 4.23
N ASN B 325 28.18 -7.14 5.13
CA ASN B 325 28.66 -8.13 6.11
C ASN B 325 27.53 -8.72 6.97
N THR B 326 26.66 -7.85 7.51
CA THR B 326 25.46 -8.25 8.25
C THR B 326 24.63 -9.28 7.46
N ILE B 327 24.33 -8.98 6.21
CA ILE B 327 23.47 -9.90 5.45
C ILE B 327 24.09 -11.29 5.24
N PHE B 328 25.36 -11.31 4.87
CA PHE B 328 26.09 -12.58 4.77
C PHE B 328 26.19 -13.39 6.07
N GLN B 329 26.45 -12.71 7.18
CA GLN B 329 26.48 -13.34 8.49
C GLN B 329 25.15 -14.00 8.79
N SER B 330 24.07 -13.28 8.49
CA SER B 330 22.76 -13.73 8.87
C SER B 330 22.38 -15.02 8.20
N ILE B 331 22.56 -15.08 6.89
CA ILE B 331 22.45 -16.32 6.14
C ILE B 331 23.32 -17.44 6.76
N GLY B 332 24.57 -17.12 7.05
CA GLY B 332 25.53 -18.09 7.59
C GLY B 332 25.00 -18.67 8.89
N THR B 333 24.64 -17.77 9.80
CA THR B 333 24.02 -18.17 11.03
C THR B 333 22.94 -19.25 10.93
N ILE B 334 22.12 -19.22 9.89
CA ILE B 334 21.08 -20.26 9.73
C ILE B 334 21.62 -21.71 9.67
N PHE B 335 22.82 -21.89 9.09
CA PHE B 335 23.37 -23.19 8.75
C PHE B 335 24.02 -23.85 9.98
N SER B 336 24.43 -23.03 10.94
CA SER B 336 24.92 -23.49 12.21
C SER B 336 23.89 -24.41 12.93
N ASN B 337 24.38 -25.56 13.45
CA ASN B 337 23.54 -26.48 14.21
C ASN B 337 22.97 -25.89 15.49
N GLU B 338 23.65 -24.93 16.09
CA GLU B 338 23.06 -24.23 17.24
C GLU B 338 21.79 -23.50 16.83
N ASN B 339 21.65 -23.20 15.53
CA ASN B 339 20.59 -22.31 15.07
C ASN B 339 19.58 -22.85 14.08
N ILE B 340 19.89 -23.96 13.41
CA ILE B 340 19.10 -24.40 12.25
C ILE B 340 17.65 -24.68 12.62
N GLU B 341 17.41 -25.08 13.86
CA GLU B 341 16.11 -25.55 14.24
C GLU B 341 15.17 -24.38 14.55
N GLY B 342 15.68 -23.41 15.31
CA GLY B 342 15.02 -22.10 15.51
C GLY B 342 14.80 -21.32 14.21
N SER B 343 15.72 -21.46 13.25
CA SER B 343 15.59 -20.76 11.98
C SER B 343 14.41 -21.31 11.22
N LEU B 344 14.35 -22.63 11.09
CA LEU B 344 13.24 -23.31 10.48
C LEU B 344 11.88 -22.96 11.10
N ASN B 345 11.75 -23.09 12.42
CA ASN B 345 10.44 -22.85 13.06
C ASN B 345 9.98 -21.42 12.84
N VAL B 346 10.90 -20.44 12.92
CA VAL B 346 10.57 -19.00 12.81
C VAL B 346 10.25 -18.65 11.36
N GLY B 347 11.00 -19.24 10.44
CA GLY B 347 10.72 -19.13 9.03
C GLY B 347 9.38 -19.72 8.63
N ARG B 348 9.07 -20.90 9.18
CA ARG B 348 7.78 -21.55 8.92
C ARG B 348 6.63 -20.68 9.43
N LEU B 349 6.79 -20.14 10.63
CA LEU B 349 5.81 -19.22 11.23
C LEU B 349 5.58 -17.99 10.36
N CYS B 350 6.67 -17.45 9.80
CA CYS B 350 6.62 -16.30 8.90
C CYS B 350 5.77 -16.61 7.69
N VAL B 351 6.00 -17.78 7.08
CA VAL B 351 5.29 -18.17 5.89
C VAL B 351 3.79 -18.34 6.23
N LYS B 352 3.47 -18.97 7.35
CA LYS B 352 2.06 -19.14 7.75
C LYS B 352 1.45 -17.78 7.98
N SER B 353 2.17 -16.91 8.68
CA SER B 353 1.68 -15.56 8.88
C SER B 353 1.47 -14.79 7.54
N GLN B 354 2.36 -14.90 6.54
CA GLN B 354 2.13 -14.22 5.25
C GLN B 354 0.83 -14.73 4.60
N LEU B 355 0.68 -16.07 4.52
CA LEU B 355 -0.56 -16.79 4.14
C LEU B 355 -1.87 -16.24 4.73
N ALA B 356 -2.00 -16.34 6.06
CA ALA B 356 -3.14 -15.85 6.81
C ALA B 356 -3.56 -14.43 6.43
N ARG B 357 -2.60 -13.55 6.13
CA ARG B 357 -2.95 -12.19 5.71
C ARG B 357 -3.58 -12.19 4.32
N GLY B 358 -2.99 -12.94 3.39
CA GLY B 358 -3.53 -13.09 2.03
C GLY B 358 -4.93 -13.69 1.93
N LEU B 359 -5.36 -14.37 2.99
CA LEU B 359 -6.64 -15.07 3.03
C LEU B 359 -7.78 -14.24 3.59
N SER B 360 -7.70 -12.92 3.45
CA SER B 360 -8.81 -12.06 3.88
C SER B 360 -9.18 -11.00 2.84
N SER B 361 -8.53 -11.06 1.69
CA SER B 361 -8.79 -10.13 0.62
C SER B 361 -9.07 -10.97 -0.62
N THR B 362 -10.20 -10.73 -1.29
CA THR B 362 -10.55 -11.54 -2.47
C THR B 362 -9.55 -11.29 -3.59
N ARG B 363 -9.05 -10.05 -3.68
CA ARG B 363 -8.01 -9.65 -4.64
C ARG B 363 -6.78 -10.54 -4.51
N THR B 364 -6.34 -10.75 -3.27
CA THR B 364 -5.18 -11.57 -2.96
C THR B 364 -5.45 -13.04 -3.26
N ILE B 365 -6.62 -13.56 -2.86
CA ILE B 365 -7.02 -14.93 -3.22
C ILE B 365 -7.02 -15.15 -4.75
N ALA B 366 -7.55 -14.18 -5.49
CA ALA B 366 -7.63 -14.21 -6.95
C ALA B 366 -6.28 -14.36 -7.64
N ASP B 367 -5.34 -13.47 -7.29
CA ASP B 367 -3.99 -13.47 -7.79
C ASP B 367 -3.27 -14.79 -7.50
N GLU B 368 -3.43 -15.27 -6.27
CA GLU B 368 -2.81 -16.51 -5.90
C GLU B 368 -3.44 -17.64 -6.72
N LEU B 369 -4.75 -17.65 -6.89
CA LEU B 369 -5.40 -18.76 -7.57
C LEU B 369 -4.97 -18.74 -9.07
N GLY B 370 -5.14 -17.58 -9.71
CA GLY B 370 -4.63 -17.39 -11.06
C GLY B 370 -3.20 -17.87 -11.28
N ASN B 371 -2.27 -17.51 -10.40
CA ASN B 371 -0.87 -17.85 -10.63
C ASN B 371 -0.61 -19.35 -10.42
N ASN B 372 -1.30 -19.90 -9.42
CA ASN B 372 -1.25 -21.30 -9.08
C ASN B 372 -1.66 -22.13 -10.31
N LEU B 373 -2.84 -21.83 -10.86
CA LEU B 373 -3.35 -22.48 -12.05
C LEU B 373 -2.37 -22.32 -13.22
N LEU B 374 -1.95 -21.10 -13.57
CA LEU B 374 -1.08 -20.93 -14.73
C LEU B 374 0.31 -21.52 -14.55
N LEU B 375 0.87 -21.53 -13.33
CA LEU B 375 2.31 -21.82 -13.17
C LEU B 375 2.67 -23.20 -12.59
N ARG B 376 1.66 -23.89 -12.09
CA ARG B 376 1.85 -25.18 -11.48
C ARG B 376 1.42 -26.26 -12.43
N ASN B 377 2.36 -27.15 -12.73
CA ASN B 377 2.14 -28.58 -12.97
C ASN B 377 0.70 -29.01 -12.49
N GLU B 378 0.50 -29.17 -11.18
CA GLU B 378 -0.77 -29.56 -10.56
C GLU B 378 -1.20 -28.53 -9.50
N TYR B 379 -2.47 -28.13 -9.50
CA TYR B 379 -2.97 -27.17 -8.49
C TYR B 379 -2.66 -27.60 -7.03
N MET B 380 -2.03 -26.69 -6.30
CA MET B 380 -1.64 -26.88 -4.92
C MET B 380 -2.64 -26.22 -3.98
N SER B 381 -3.28 -27.03 -3.12
CA SER B 381 -4.28 -26.52 -2.19
C SER B 381 -3.63 -25.76 -1.06
N LEU B 382 -4.34 -24.77 -0.52
CA LEU B 382 -3.95 -24.09 0.71
C LEU B 382 -3.79 -25.19 1.80
N GLY B 383 -4.53 -26.28 1.61
CA GLY B 383 -4.52 -27.47 2.47
C GLY B 383 -3.26 -28.29 2.48
N LYS B 384 -2.95 -28.88 1.31
CA LYS B 384 -1.69 -29.59 1.06
C LYS B 384 -0.41 -28.76 1.28
N TRP B 385 -0.46 -27.47 0.97
CA TRP B 385 0.61 -26.51 1.23
C TRP B 385 0.97 -26.49 2.69
N ASP B 386 -0.04 -26.38 3.55
CA ASP B 386 0.20 -26.45 5.00
C ASP B 386 0.85 -27.71 5.51
N GLU B 387 0.39 -28.86 5.03
CA GLU B 387 1.07 -30.12 5.29
C GLU B 387 2.56 -30.05 4.94
N LEU B 388 2.89 -29.51 3.75
CA LEU B 388 4.26 -29.52 3.22
C LEU B 388 5.21 -28.64 4.02
N LEU B 389 4.70 -27.47 4.40
CA LEU B 389 5.40 -26.61 5.30
C LEU B 389 5.74 -27.32 6.61
N ASN B 390 4.72 -27.94 7.19
CA ASN B 390 4.84 -28.63 8.48
C ASN B 390 5.74 -29.85 8.42
N ALA B 391 5.72 -30.59 7.32
CA ALA B 391 6.59 -31.76 7.13
C ALA B 391 8.06 -31.41 6.80
N THR B 392 8.34 -30.11 6.62
CA THR B 392 9.64 -29.62 6.22
C THR B 392 10.56 -29.68 7.43
N ASN B 393 11.69 -30.38 7.29
CA ASN B 393 12.64 -30.60 8.39
C ASN B 393 14.05 -29.95 8.23
N ILE B 394 14.83 -29.98 9.32
CA ILE B 394 16.22 -29.51 9.36
C ILE B 394 17.06 -29.99 8.17
N ASN B 395 16.87 -31.24 7.77
CA ASN B 395 17.58 -31.77 6.60
C ASN B 395 17.13 -31.19 5.27
N ASN B 396 15.86 -30.84 5.14
CA ASN B 396 15.44 -30.11 3.96
C ASN B 396 16.15 -28.74 3.88
N ILE B 397 16.22 -28.04 5.02
CA ILE B 397 16.97 -26.79 5.05
C ILE B 397 18.47 -27.03 4.70
N LYS B 398 19.11 -28.01 5.37
CA LYS B 398 20.53 -28.33 5.12
C LYS B 398 20.74 -28.51 3.61
N GLU B 399 19.75 -29.07 2.92
CA GLU B 399 19.92 -29.50 1.55
C GLU B 399 19.80 -28.34 0.55
N TYR B 400 18.82 -27.47 0.78
CA TYR B 400 18.72 -26.20 0.12
C TYR B 400 20.02 -25.37 0.24
N PHE B 401 20.61 -25.33 1.44
CA PHE B 401 21.89 -24.63 1.62
C PHE B 401 22.96 -25.23 0.75
N ASP B 402 23.01 -26.55 0.71
CA ASP B 402 23.97 -27.28 -0.10
C ASP B 402 23.86 -27.04 -1.61
N LYS B 403 22.65 -27.05 -2.14
CA LYS B 403 22.52 -26.90 -3.56
C LYS B 403 22.62 -25.42 -3.96
N TYR B 404 22.23 -24.50 -3.07
CA TYR B 404 21.96 -23.11 -3.45
C TYR B 404 22.80 -21.99 -2.84
N ILE B 405 23.44 -22.26 -1.69
CA ILE B 405 24.08 -21.20 -0.91
C ILE B 405 25.61 -21.44 -0.72
N LEU B 406 26.00 -22.46 0.04
CA LEU B 406 27.42 -22.68 0.39
C LEU B 406 28.26 -22.76 -0.85
N GLU B 407 29.35 -21.99 -0.89
CA GLU B 407 30.31 -22.10 -1.99
C GLU B 407 29.79 -21.51 -3.30
N LYS B 408 28.67 -20.79 -3.22
CA LYS B 408 28.08 -20.16 -4.39
C LYS B 408 28.44 -18.68 -4.41
N ASN B 409 28.69 -18.15 -5.61
CA ASN B 409 28.90 -16.73 -5.76
C ASN B 409 27.56 -16.07 -5.88
N ALA B 410 27.42 -14.93 -5.24
CA ALA B 410 26.18 -14.19 -5.36
C ALA B 410 26.33 -13.13 -6.43
N SER B 411 25.23 -12.71 -7.04
CA SER B 411 25.26 -11.47 -7.79
C SER B 411 25.22 -10.28 -6.84
N MET B 412 25.85 -9.18 -7.20
CA MET B 412 25.75 -7.97 -6.37
C MET B 412 25.69 -6.73 -7.23
N VAL B 413 24.84 -5.79 -6.84
CA VAL B 413 24.77 -4.53 -7.51
C VAL B 413 24.87 -3.47 -6.46
N ILE B 414 25.67 -2.45 -6.68
CA ILE B 414 25.67 -1.28 -5.77
C ILE B 414 25.33 -0.06 -6.60
N ILE B 415 24.46 0.78 -6.07
CA ILE B 415 24.20 2.07 -6.68
C ILE B 415 24.53 3.15 -5.66
N SER B 416 25.60 3.87 -5.93
CA SER B 416 26.14 4.79 -4.96
C SER B 416 25.99 6.27 -5.36
N GLY B 417 25.81 7.09 -4.35
CA GLY B 417 25.85 8.53 -4.51
C GLY B 417 27.22 9.17 -4.67
N LYS B 418 28.27 8.69 -3.99
CA LYS B 418 29.63 9.33 -4.14
C LYS B 418 30.68 8.47 -4.88
N GLN B 419 30.71 7.17 -4.53
CA GLN B 419 31.73 6.17 -4.92
C GLN B 419 32.17 6.23 -6.39
#